data_4XA2
#
_entry.id   4XA2
#
_cell.length_a   41.018
_cell.length_b   128.300
_cell.length_c   92.505
_cell.angle_alpha   90.000
_cell.angle_beta   90.000
_cell.angle_gamma   90.000
#
_symmetry.space_group_name_H-M   'P 1 21 1'
#
loop_
_entity.id
_entity.type
_entity.pdbx_description
1 polymer 'Maltose-binding periplasmic protein,MBP-PilA: c'
2 branched alpha-D-glucopyranose-(1-4)-alpha-D-glucopyranose-(1-4)-alpha-D-glucopyranose
3 non-polymer 1,2-ETHANEDIOL
4 water water
#
_entity_poly.entity_id   1
_entity_poly.type   'polypeptide(L)'
_entity_poly.pdbx_seq_one_letter_code
;MKIEEGKLVIWINGDKGYNGLAEVGKKFEKDTGIKVTVEHPDKLEEKFPQVAATGDGPDIIFWAHDRFGGYAQSGLLAEI
TPAAAFQDKLYPFTWDAVRYNGKLIAYPIAVEALSLIYNKDLLPNPPKTWEEIPALDKELKAKGKSALMFNLQEPYFTWP
LIAADGGYAFKYAAGKYDIKDVGVDNAGAKAGLTFLVDLIKNKHMNADTDYSIAEAAFNKGETAMTINGPWAWSNIDTSA
VNYGVTVLPTFKGQPSKPFVGVLSAGINAASPNKELAKEFLENYLLTDEGLEAVNKDKPLGAVALKSYEEELAKDPRIAA
TMENAQKGEIMPNIPQMSAFWYAVRTAVINAASGRQTVDAALAAAQTNAAAAYQNYIAKSQVSTGLADITAGKTNAETKL
AEGLTAALTDVEALGLQKSTNACSTITTSIGTNGASNITCTLKGTSQINSKKIEWIRDADNATNGTTGAWRCKTDVAENL
RPKSCGASGSLEHHHHHH
;
_entity_poly.pdbx_strand_id   A,B
#
# COMPACT_ATOMS: atom_id res chain seq x y z
N MET A 1 -5.36 21.96 -36.58
CA MET A 1 -5.96 22.21 -35.26
C MET A 1 -6.68 23.57 -35.15
N LYS A 2 -6.16 24.61 -35.81
CA LYS A 2 -6.85 25.92 -35.81
C LYS A 2 -8.19 25.84 -36.55
N ILE A 3 -9.14 26.69 -36.19
CA ILE A 3 -10.50 26.57 -36.68
C ILE A 3 -10.73 27.29 -38.01
N GLU A 4 -11.22 26.54 -38.99
CA GLU A 4 -11.51 27.07 -40.32
C GLU A 4 -12.93 27.64 -40.40
N GLU A 5 -13.09 28.78 -41.08
CA GLU A 5 -14.43 29.34 -41.22
C GLU A 5 -15.14 28.72 -42.43
N GLY A 6 -16.47 28.73 -42.39
CA GLY A 6 -17.32 28.10 -43.40
C GLY A 6 -17.30 26.59 -43.30
N LYS A 7 -17.30 26.09 -42.06
CA LYS A 7 -17.03 24.69 -41.80
C LYS A 7 -17.38 24.39 -40.34
N LEU A 8 -17.74 23.14 -40.03
CA LEU A 8 -18.01 22.74 -38.64
C LEU A 8 -17.26 21.45 -38.30
N VAL A 9 -16.42 21.52 -37.26
CA VAL A 9 -15.79 20.32 -36.75
C VAL A 9 -16.43 20.04 -35.38
N ILE A 10 -16.87 18.80 -35.19
CA ILE A 10 -17.58 18.39 -34.00
C ILE A 10 -16.85 17.25 -33.32
N TRP A 11 -16.73 17.35 -32.01
CA TRP A 11 -16.16 16.27 -31.20
C TRP A 11 -17.25 15.66 -30.32
N ILE A 12 -17.29 14.33 -30.29
CA ILE A 12 -18.27 13.60 -29.51
C ILE A 12 -17.61 12.30 -29.14
N ASN A 13 -18.01 11.71 -28.03
CA ASN A 13 -17.32 10.51 -27.54
C ASN A 13 -17.54 9.26 -28.39
N GLY A 14 -16.57 8.36 -28.37
CA GLY A 14 -16.63 7.20 -29.22
C GLY A 14 -17.76 6.25 -28.86
N ASP A 15 -18.38 6.41 -27.68
CA ASP A 15 -19.44 5.47 -27.29
C ASP A 15 -20.84 5.98 -27.64
N LYS A 16 -20.91 7.15 -28.29
CA LYS A 16 -22.19 7.72 -28.73
C LYS A 16 -22.45 7.49 -30.22
N GLY A 17 -23.59 7.95 -30.72
CA GLY A 17 -23.95 7.70 -32.11
C GLY A 17 -23.38 8.73 -33.08
N TYR A 18 -22.06 8.72 -33.25
CA TYR A 18 -21.41 9.76 -34.06
C TYR A 18 -21.69 9.59 -35.57
N ASN A 19 -21.79 8.36 -36.05
CA ASN A 19 -22.19 8.12 -37.44
C ASN A 19 -23.58 8.66 -37.71
N GLY A 20 -24.49 8.42 -36.78
CA GLY A 20 -25.82 9.01 -36.82
C GLY A 20 -25.71 10.52 -36.80
N LEU A 21 -24.82 11.07 -35.97
CA LEU A 21 -24.63 12.52 -35.91
C LEU A 21 -24.07 13.06 -37.25
N ALA A 22 -23.17 12.29 -37.88
CA ALA A 22 -22.60 12.69 -39.19
C ALA A 22 -23.67 12.76 -40.27
N GLU A 23 -24.72 11.93 -40.12
CA GLU A 23 -25.85 11.95 -41.04
C GLU A 23 -26.67 13.23 -40.93
N VAL A 24 -26.80 13.78 -39.72
CA VAL A 24 -27.42 15.08 -39.58
C VAL A 24 -26.46 16.10 -40.19
N GLY A 25 -25.16 15.78 -40.13
CA GLY A 25 -24.13 16.62 -40.68
C GLY A 25 -24.11 16.67 -42.20
N LYS A 26 -24.18 15.50 -42.84
CA LYS A 26 -24.24 15.42 -44.30
C LYS A 26 -25.50 16.10 -44.83
N LYS A 27 -26.57 16.11 -44.03
CA LYS A 27 -27.79 16.78 -44.44
C LYS A 27 -27.61 18.29 -44.35
N PHE A 28 -26.85 18.73 -43.34
CA PHE A 28 -26.53 20.15 -43.17
C PHE A 28 -25.67 20.61 -44.35
N GLU A 29 -24.77 19.75 -44.80
CA GLU A 29 -23.92 20.01 -45.95
C GLU A 29 -24.72 20.01 -47.26
N LYS A 30 -26.05 20.00 -47.15
CA LYS A 30 -26.92 20.07 -48.32
C LYS A 30 -27.74 21.35 -48.37
N ASP A 31 -28.28 21.79 -47.24
CA ASP A 31 -29.13 22.98 -47.24
C ASP A 31 -28.37 24.29 -47.06
N THR A 32 -27.03 24.22 -46.91
CA THR A 32 -26.19 25.37 -46.55
C THR A 32 -24.88 25.47 -47.33
N GLY A 33 -24.40 24.34 -47.83
CA GLY A 33 -23.07 24.27 -48.39
C GLY A 33 -21.99 24.11 -47.34
N ILE A 34 -22.34 24.22 -46.06
CA ILE A 34 -21.35 24.13 -44.98
C ILE A 34 -21.00 22.70 -44.61
N LYS A 35 -19.75 22.33 -44.83
CA LYS A 35 -19.30 20.98 -44.55
C LYS A 35 -19.39 20.73 -43.02
N VAL A 36 -19.45 19.47 -42.63
CA VAL A 36 -19.49 19.07 -41.23
C VAL A 36 -18.61 17.85 -41.03
N THR A 37 -17.63 17.98 -40.16
CA THR A 37 -16.80 16.85 -39.82
C THR A 37 -17.15 16.40 -38.40
N VAL A 38 -17.34 15.10 -38.23
CA VAL A 38 -17.60 14.54 -36.90
C VAL A 38 -16.43 13.65 -36.54
N GLU A 39 -15.77 13.96 -35.42
CA GLU A 39 -14.66 13.17 -34.95
C GLU A 39 -14.89 12.72 -33.51
N HIS A 40 -14.24 11.63 -33.11
CA HIS A 40 -14.33 11.10 -31.75
C HIS A 40 -12.96 10.78 -31.20
N PRO A 41 -12.15 11.81 -30.93
CA PRO A 41 -10.78 11.56 -30.46
C PRO A 41 -10.81 10.89 -29.11
N ASP A 42 -9.78 10.10 -28.77
CA ASP A 42 -9.67 9.57 -27.42
C ASP A 42 -9.51 10.74 -26.45
N LYS A 43 -10.14 10.61 -25.29
CA LYS A 43 -9.95 11.56 -24.20
C LYS A 43 -10.23 12.98 -24.68
N LEU A 44 -11.30 13.12 -25.43
CA LEU A 44 -11.60 14.41 -26.02
C LEU A 44 -11.89 15.46 -24.97
N GLU A 45 -12.38 15.01 -23.81
CA GLU A 45 -12.82 15.95 -22.79
C GLU A 45 -11.61 16.55 -22.09
N GLU A 46 -10.49 15.84 -22.18
CA GLU A 46 -9.21 16.27 -21.60
C GLU A 46 -8.44 17.07 -22.64
N LYS A 47 -8.63 16.67 -23.90
CA LYS A 47 -7.92 17.25 -25.02
C LYS A 47 -8.46 18.63 -25.29
N PHE A 48 -9.79 18.76 -25.21
CA PHE A 48 -10.45 20.02 -25.51
C PHE A 48 -9.93 21.22 -24.72
N PRO A 49 -9.78 21.09 -23.38
CA PRO A 49 -9.22 22.27 -22.70
C PRO A 49 -7.75 22.54 -23.10
N GLN A 50 -7.01 21.51 -23.49
CA GLN A 50 -5.63 21.70 -23.94
C GLN A 50 -5.56 22.53 -25.22
N VAL A 51 -6.32 22.11 -26.26
CA VAL A 51 -6.25 22.77 -27.56
C VAL A 51 -7.03 24.08 -27.64
N ALA A 52 -8.08 24.24 -26.84
CA ALA A 52 -8.94 25.41 -26.97
C ALA A 52 -8.43 26.59 -26.15
N ALA A 53 -7.33 26.38 -25.42
CA ALA A 53 -6.67 27.49 -24.74
C ALA A 53 -5.89 28.32 -25.76
N THR A 54 -5.48 27.70 -26.86
CA THR A 54 -4.77 28.39 -27.93
C THR A 54 -5.64 28.56 -29.18
N GLY A 55 -6.95 28.66 -28.97
CA GLY A 55 -7.90 28.89 -30.06
C GLY A 55 -8.00 27.80 -31.11
N ASP A 56 -7.77 26.55 -30.71
CA ASP A 56 -7.92 25.43 -31.62
C ASP A 56 -9.13 24.56 -31.27
N GLY A 57 -9.11 23.33 -31.77
CA GLY A 57 -10.13 22.34 -31.46
C GLY A 57 -11.40 22.51 -32.27
N PRO A 58 -12.45 21.76 -31.90
CA PRO A 58 -13.73 21.72 -32.62
C PRO A 58 -14.54 22.98 -32.42
N ASP A 59 -15.45 23.26 -33.35
CA ASP A 59 -16.46 24.31 -33.17
C ASP A 59 -17.47 23.94 -32.08
N ILE A 60 -17.72 22.63 -31.97
CA ILE A 60 -18.72 22.09 -31.05
C ILE A 60 -18.18 20.89 -30.27
N ILE A 61 -18.28 20.93 -28.94
CA ILE A 61 -17.88 19.78 -28.15
C ILE A 61 -19.09 19.13 -27.43
N PHE A 62 -19.18 17.82 -27.52
CA PHE A 62 -20.22 17.08 -26.83
C PHE A 62 -19.63 16.38 -25.60
N TRP A 63 -20.27 16.56 -24.45
CA TRP A 63 -19.93 15.75 -23.28
C TRP A 63 -21.05 15.87 -22.26
N ALA A 64 -21.03 15.05 -21.23
CA ALA A 64 -21.99 15.23 -20.15
C ALA A 64 -21.71 16.58 -19.47
N HIS A 65 -22.75 17.19 -18.91
CA HIS A 65 -22.72 18.57 -18.45
C HIS A 65 -21.73 18.84 -17.32
N ASP A 66 -21.34 17.79 -16.59
CA ASP A 66 -20.54 17.98 -15.38
C ASP A 66 -19.18 18.59 -15.72
N ARG A 67 -18.74 18.48 -16.97
CA ARG A 67 -17.45 19.07 -17.30
C ARG A 67 -17.52 20.51 -17.75
N PHE A 68 -18.71 21.06 -17.89
CA PHE A 68 -18.87 22.32 -18.63
C PHE A 68 -18.69 23.56 -17.76
N GLY A 69 -18.88 23.43 -16.45
CA GLY A 69 -18.61 24.55 -15.57
C GLY A 69 -17.12 24.85 -15.56
N GLY A 70 -16.32 23.79 -15.55
CA GLY A 70 -14.88 23.95 -15.64
C GLY A 70 -14.49 24.65 -16.93
N TYR A 71 -15.05 24.19 -18.04
CA TYR A 71 -14.78 24.76 -19.36
C TYR A 71 -15.09 26.24 -19.38
N ALA A 72 -16.25 26.59 -18.84
CA ALA A 72 -16.73 27.97 -18.81
C ALA A 72 -15.83 28.87 -17.96
N GLN A 73 -15.44 28.38 -16.79
CA GLN A 73 -14.59 29.16 -15.90
C GLN A 73 -13.23 29.41 -16.54
N SER A 74 -12.72 28.42 -17.26
CA SER A 74 -11.45 28.53 -17.99
C SER A 74 -11.54 29.42 -19.24
N GLY A 75 -12.72 29.93 -19.55
CA GLY A 75 -12.93 30.82 -20.67
C GLY A 75 -13.27 30.24 -22.04
N LEU A 76 -13.51 28.92 -22.13
CA LEU A 76 -13.49 28.26 -23.43
C LEU A 76 -14.83 28.14 -24.17
N LEU A 77 -15.90 28.64 -23.57
CA LEU A 77 -17.23 28.43 -24.09
C LEU A 77 -18.01 29.70 -24.33
N ALA A 78 -18.54 29.84 -25.54
CA ALA A 78 -19.45 30.93 -25.85
C ALA A 78 -20.73 30.78 -25.05
N GLU A 79 -21.29 31.88 -24.58
CA GLU A 79 -22.62 31.83 -23.99
C GLU A 79 -23.62 31.54 -25.10
N ILE A 80 -24.42 30.49 -24.93
CA ILE A 80 -25.49 30.25 -25.88
C ILE A 80 -26.73 30.96 -25.38
N THR A 81 -27.38 31.68 -26.28
CA THR A 81 -28.58 32.39 -25.87
C THR A 81 -29.68 32.16 -26.91
N PRO A 82 -30.45 31.09 -26.72
CA PRO A 82 -31.53 30.73 -27.61
C PRO A 82 -32.75 31.55 -27.30
N ALA A 83 -33.64 31.66 -28.28
CA ALA A 83 -34.91 32.34 -28.09
C ALA A 83 -35.71 31.61 -27.03
N ALA A 84 -36.57 32.34 -26.32
CA ALA A 84 -37.44 31.69 -25.34
C ALA A 84 -38.33 30.63 -26.01
N ALA A 85 -38.59 30.80 -27.30
CA ALA A 85 -39.41 29.85 -28.03
C ALA A 85 -38.74 28.49 -28.14
N PHE A 86 -37.41 28.50 -28.28
CA PHE A 86 -36.64 27.27 -28.39
C PHE A 86 -36.48 26.61 -27.02
N GLN A 87 -36.46 27.41 -25.97
CA GLN A 87 -36.28 26.91 -24.62
C GLN A 87 -37.52 26.15 -24.14
N ASP A 88 -38.68 26.61 -24.60
CA ASP A 88 -39.95 25.94 -24.29
C ASP A 88 -39.96 24.50 -24.80
N LYS A 89 -39.11 24.22 -25.77
CA LYS A 89 -39.09 22.90 -26.40
C LYS A 89 -38.28 21.85 -25.64
N LEU A 90 -37.46 22.30 -24.67
CA LEU A 90 -36.68 21.39 -23.84
C LEU A 90 -37.13 21.48 -22.37
N TYR A 91 -37.08 20.36 -21.64
CA TYR A 91 -37.42 20.38 -20.21
C TYR A 91 -36.56 21.34 -19.43
N PRO A 92 -37.18 22.11 -18.51
CA PRO A 92 -36.49 23.13 -17.72
C PRO A 92 -35.30 22.56 -16.94
N PHE A 93 -35.46 21.36 -16.40
CA PHE A 93 -34.39 20.82 -15.56
C PHE A 93 -33.15 20.49 -16.40
N THR A 94 -33.29 20.31 -17.72
CA THR A 94 -32.08 20.07 -18.51
C THR A 94 -31.35 21.38 -18.73
N TRP A 95 -32.08 22.49 -18.92
CA TRP A 95 -31.43 23.78 -19.04
C TRP A 95 -30.68 24.12 -17.75
N ASP A 96 -31.21 23.65 -16.63
CA ASP A 96 -30.58 23.92 -15.34
C ASP A 96 -29.21 23.25 -15.29
N ALA A 97 -29.13 22.03 -15.83
CA ALA A 97 -27.86 21.32 -15.96
C ALA A 97 -26.76 22.14 -16.63
N VAL A 98 -27.13 22.92 -17.65
CA VAL A 98 -26.14 23.66 -18.43
C VAL A 98 -26.11 25.16 -18.10
N ARG A 99 -26.61 25.54 -16.94
CA ARG A 99 -26.50 26.93 -16.51
C ARG A 99 -25.39 27.08 -15.48
N TYR A 100 -24.45 27.97 -15.77
CA TYR A 100 -23.32 28.21 -14.89
C TYR A 100 -23.21 29.72 -14.59
N ASN A 101 -23.27 30.07 -13.31
CA ASN A 101 -23.30 31.47 -12.90
C ASN A 101 -24.42 32.24 -13.59
N GLY A 102 -25.58 31.60 -13.74
CA GLY A 102 -26.74 32.27 -14.27
C GLY A 102 -26.81 32.34 -15.78
N LYS A 103 -25.73 31.98 -16.45
CA LYS A 103 -25.67 31.95 -17.91
C LYS A 103 -25.69 30.51 -18.45
N LEU A 104 -26.42 30.29 -19.53
CA LEU A 104 -26.42 29.00 -20.20
C LEU A 104 -25.14 28.84 -21.02
N ILE A 105 -24.49 27.68 -20.93
CA ILE A 105 -23.21 27.53 -21.60
C ILE A 105 -23.11 26.28 -22.49
N ALA A 106 -24.24 25.62 -22.73
CA ALA A 106 -24.32 24.51 -23.68
C ALA A 106 -25.77 24.19 -23.97
N TYR A 107 -26.02 23.50 -25.07
CA TYR A 107 -27.35 22.99 -25.37
C TYR A 107 -27.51 21.59 -24.78
N PRO A 108 -28.56 21.36 -23.98
CA PRO A 108 -28.76 20.01 -23.45
C PRO A 108 -29.38 19.08 -24.51
N ILE A 109 -28.86 17.86 -24.60
CA ILE A 109 -29.28 16.91 -25.64
C ILE A 109 -30.08 15.73 -25.08
N ALA A 110 -29.54 15.09 -24.04
CA ALA A 110 -30.16 13.88 -23.52
C ALA A 110 -29.80 13.60 -22.07
N VAL A 111 -30.72 12.95 -21.36
CA VAL A 111 -30.52 12.61 -19.95
C VAL A 111 -30.13 11.14 -19.79
N GLU A 112 -28.97 10.91 -19.20
CA GLU A 112 -28.42 9.56 -19.06
C GLU A 112 -28.37 9.07 -17.59
N ALA A 113 -28.78 7.83 -17.36
CA ALA A 113 -28.50 7.18 -16.08
C ALA A 113 -28.16 5.73 -16.31
N LEU A 114 -27.27 5.22 -15.47
CA LEU A 114 -26.92 3.79 -15.48
C LEU A 114 -28.11 2.92 -15.07
N SER A 115 -28.23 1.75 -15.67
CA SER A 115 -29.22 0.77 -15.22
C SER A 115 -28.57 -0.58 -15.10
N LEU A 116 -29.24 -1.49 -14.40
CA LEU A 116 -28.86 -2.88 -14.42
C LEU A 116 -29.34 -3.49 -15.73
N ILE A 117 -28.41 -4.00 -16.52
CA ILE A 117 -28.74 -4.71 -17.75
C ILE A 117 -28.51 -6.19 -17.54
N TYR A 118 -29.50 -7.01 -17.85
CA TYR A 118 -29.38 -8.42 -17.50
C TYR A 118 -29.83 -9.38 -18.60
N ASN A 119 -29.26 -10.58 -18.60
CA ASN A 119 -29.62 -11.59 -19.60
C ASN A 119 -30.85 -12.38 -19.13
N LYS A 120 -31.98 -12.16 -19.79
CA LYS A 120 -33.25 -12.73 -19.35
C LYS A 120 -33.26 -14.24 -19.42
N ASP A 121 -32.54 -14.81 -20.37
CA ASP A 121 -32.52 -16.25 -20.56
C ASP A 121 -31.63 -16.86 -19.49
N LEU A 122 -30.52 -16.20 -19.24
CA LEU A 122 -29.57 -16.69 -18.24
C LEU A 122 -30.08 -16.42 -16.82
N LEU A 123 -30.80 -15.32 -16.65
CA LEU A 123 -31.20 -14.85 -15.34
C LEU A 123 -32.58 -14.20 -15.37
N PRO A 124 -33.65 -15.01 -15.38
CA PRO A 124 -35.01 -14.49 -15.50
C PRO A 124 -35.46 -13.66 -14.30
N ASN A 125 -34.86 -13.91 -13.14
CA ASN A 125 -35.18 -13.13 -11.95
C ASN A 125 -33.94 -12.44 -11.36
N PRO A 126 -33.60 -11.26 -11.90
CA PRO A 126 -32.36 -10.61 -11.41
C PRO A 126 -32.49 -10.20 -9.94
N PRO A 127 -31.35 -10.13 -9.24
CA PRO A 127 -31.35 -9.82 -7.80
C PRO A 127 -31.81 -8.40 -7.50
N LYS A 128 -32.64 -8.24 -6.48
CA LYS A 128 -33.09 -6.91 -6.06
C LYS A 128 -32.06 -6.21 -5.17
N THR A 129 -31.10 -6.97 -4.65
CA THR A 129 -30.11 -6.40 -3.72
C THR A 129 -28.68 -6.79 -4.10
N TRP A 130 -27.72 -5.91 -3.83
CA TRP A 130 -26.32 -6.21 -4.08
C TRP A 130 -25.90 -7.42 -3.26
N GLU A 131 -26.48 -7.53 -2.07
CA GLU A 131 -26.08 -8.59 -1.14
C GLU A 131 -26.36 -9.98 -1.73
N GLU A 132 -27.30 -10.08 -2.65
CA GLU A 132 -27.61 -11.35 -3.30
C GLU A 132 -26.57 -11.84 -4.30
N ILE A 133 -25.66 -10.97 -4.72
CA ILE A 133 -24.79 -11.26 -5.85
C ILE A 133 -23.69 -12.31 -5.62
N PRO A 134 -23.05 -12.35 -4.44
CA PRO A 134 -22.04 -13.41 -4.27
C PRO A 134 -22.58 -14.84 -4.47
N ALA A 135 -23.74 -15.14 -3.89
CA ALA A 135 -24.37 -16.46 -4.02
C ALA A 135 -24.81 -16.73 -5.46
N LEU A 136 -25.37 -15.72 -6.10
CA LEU A 136 -25.77 -15.82 -7.49
C LEU A 136 -24.55 -16.10 -8.37
N ASP A 137 -23.45 -15.38 -8.12
CA ASP A 137 -22.24 -15.64 -8.89
C ASP A 137 -21.74 -17.05 -8.64
N LYS A 138 -21.80 -17.53 -7.40
CA LYS A 138 -21.33 -18.88 -7.12
C LYS A 138 -22.12 -19.86 -7.98
N GLU A 139 -23.44 -19.70 -7.98
CA GLU A 139 -24.33 -20.53 -8.77
C GLU A 139 -23.97 -20.47 -10.25
N LEU A 140 -23.63 -19.28 -10.75
CA LEU A 140 -23.40 -19.11 -12.18
C LEU A 140 -22.03 -19.62 -12.65
N LYS A 141 -21.03 -19.55 -11.77
CA LYS A 141 -19.70 -20.09 -12.12
C LYS A 141 -19.79 -21.60 -12.35
N ALA A 142 -20.72 -22.25 -11.65
CA ALA A 142 -20.88 -23.71 -11.75
C ALA A 142 -21.34 -24.13 -13.14
N LYS A 143 -21.96 -23.20 -13.85
CA LYS A 143 -22.43 -23.40 -15.22
C LYS A 143 -21.47 -22.81 -16.22
N GLY A 144 -20.33 -22.32 -15.75
CA GLY A 144 -19.36 -21.67 -16.61
C GLY A 144 -19.74 -20.26 -17.05
N LYS A 145 -20.36 -19.50 -16.16
CA LYS A 145 -20.69 -18.09 -16.43
C LYS A 145 -20.35 -17.23 -15.22
N SER A 146 -20.70 -15.96 -15.27
CA SER A 146 -20.53 -15.11 -14.11
C SER A 146 -21.78 -14.24 -13.91
N ALA A 147 -21.96 -13.74 -12.69
CA ALA A 147 -23.15 -12.96 -12.39
C ALA A 147 -23.08 -11.56 -12.97
N LEU A 148 -21.93 -10.90 -12.84
CA LEU A 148 -21.87 -9.47 -13.13
C LEU A 148 -20.49 -8.99 -13.57
N MET A 149 -20.47 -8.28 -14.70
CA MET A 149 -19.25 -7.59 -15.12
C MET A 149 -19.54 -6.17 -15.58
N PHE A 150 -18.88 -5.20 -14.97
CA PHE A 150 -18.98 -3.84 -15.48
C PHE A 150 -17.64 -3.14 -15.33
N ASN A 151 -17.54 -1.96 -15.94
CA ASN A 151 -16.28 -1.21 -15.99
C ASN A 151 -15.80 -0.72 -14.62
N LEU A 152 -14.75 -1.34 -14.12
CA LEU A 152 -14.14 -0.94 -12.86
C LEU A 152 -13.05 0.14 -13.03
N GLN A 153 -12.74 0.52 -14.26
CA GLN A 153 -11.72 1.55 -14.49
C GLN A 153 -12.24 3.01 -14.45
N GLU A 154 -13.56 3.20 -14.51
CA GLU A 154 -14.13 4.55 -14.43
C GLU A 154 -15.08 4.62 -13.23
N PRO A 155 -14.89 5.62 -12.35
CA PRO A 155 -15.64 5.70 -11.08
C PRO A 155 -17.14 5.93 -11.29
N TYR A 156 -17.51 6.38 -12.49
CA TYR A 156 -18.91 6.59 -12.86
C TYR A 156 -19.77 5.37 -12.63
N PHE A 157 -19.18 4.20 -12.89
CA PHE A 157 -19.90 2.93 -12.80
C PHE A 157 -19.98 2.38 -11.36
N THR A 158 -19.02 2.77 -10.50
CA THR A 158 -19.09 2.30 -9.12
C THR A 158 -19.77 3.31 -8.18
N TRP A 159 -19.88 4.56 -8.62
CA TRP A 159 -20.52 5.58 -7.78
C TRP A 159 -21.92 5.22 -7.27
N PRO A 160 -22.79 4.59 -8.10
CA PRO A 160 -24.14 4.31 -7.56
C PRO A 160 -24.16 3.51 -6.26
N LEU A 161 -23.20 2.59 -6.14
CA LEU A 161 -23.02 1.79 -4.93
C LEU A 161 -22.33 2.59 -3.81
N ILE A 162 -21.41 3.47 -4.16
CA ILE A 162 -20.73 4.26 -3.13
C ILE A 162 -21.75 5.20 -2.49
N ALA A 163 -22.64 5.74 -3.31
CA ALA A 163 -23.65 6.67 -2.84
C ALA A 163 -24.80 5.99 -2.12
N ALA A 164 -25.00 4.70 -2.35
CA ALA A 164 -26.23 4.04 -1.87
C ALA A 164 -26.49 4.27 -0.37
N ASP A 165 -25.47 4.01 0.47
CA ASP A 165 -25.59 4.12 1.94
C ASP A 165 -25.09 5.47 2.46
N GLY A 166 -24.79 6.41 1.57
CA GLY A 166 -24.51 7.74 2.05
C GLY A 166 -23.31 8.52 1.54
N GLY A 167 -22.46 7.91 0.71
CA GLY A 167 -21.41 8.70 0.08
C GLY A 167 -22.02 9.86 -0.70
N TYR A 168 -21.30 10.99 -0.76
CA TYR A 168 -21.67 12.08 -1.67
C TYR A 168 -20.41 12.76 -2.16
N ALA A 169 -20.55 13.53 -3.23
CA ALA A 169 -19.43 14.30 -3.76
C ALA A 169 -19.26 15.56 -2.92
N PHE A 170 -20.01 16.61 -3.24
CA PHE A 170 -19.93 17.86 -2.48
C PHE A 170 -21.25 18.19 -1.81
N LYS A 171 -21.21 18.56 -0.53
CA LYS A 171 -22.43 18.94 0.16
C LYS A 171 -23.02 20.27 -0.36
N TYR A 172 -24.30 20.24 -0.72
CA TYR A 172 -25.03 21.44 -1.12
C TYR A 172 -25.54 22.21 0.09
N ALA A 173 -24.96 23.37 0.36
CA ALA A 173 -25.24 24.08 1.61
C ALA A 173 -25.36 25.58 1.39
N ALA A 174 -26.36 26.19 2.02
CA ALA A 174 -26.63 27.61 1.88
C ALA A 174 -26.63 28.02 0.42
N GLY A 175 -27.31 27.23 -0.41
CA GLY A 175 -27.50 27.59 -1.81
C GLY A 175 -26.36 27.33 -2.77
N LYS A 176 -25.25 26.81 -2.26
CA LYS A 176 -24.11 26.50 -3.14
C LYS A 176 -23.44 25.17 -2.76
N TYR A 177 -22.77 24.55 -3.72
CA TYR A 177 -21.96 23.38 -3.38
C TYR A 177 -20.75 23.84 -2.59
N ASP A 178 -20.60 23.28 -1.39
CA ASP A 178 -19.45 23.57 -0.53
C ASP A 178 -18.29 22.67 -0.95
N ILE A 179 -17.29 23.28 -1.59
CA ILE A 179 -16.21 22.53 -2.21
C ILE A 179 -15.24 21.98 -1.17
N LYS A 180 -15.48 22.28 0.11
CA LYS A 180 -14.61 21.74 1.15
C LYS A 180 -15.33 20.69 1.99
N ASP A 181 -16.58 20.41 1.64
CA ASP A 181 -17.36 19.38 2.33
C ASP A 181 -17.57 18.21 1.37
N VAL A 182 -16.64 17.27 1.41
CA VAL A 182 -16.61 16.14 0.49
C VAL A 182 -17.03 14.88 1.24
N GLY A 183 -17.89 14.07 0.62
CA GLY A 183 -18.46 12.93 1.32
C GLY A 183 -17.97 11.60 0.82
N VAL A 184 -16.74 11.55 0.30
CA VAL A 184 -16.23 10.30 -0.27
C VAL A 184 -15.59 9.41 0.79
N ASP A 185 -15.43 9.94 2.01
CA ASP A 185 -14.81 9.16 3.06
C ASP A 185 -15.68 9.06 4.32
N ASN A 186 -17.00 9.13 4.16
CA ASN A 186 -17.86 8.89 5.32
C ASN A 186 -18.20 7.41 5.40
N ALA A 187 -19.00 7.04 6.39
CA ALA A 187 -19.27 5.63 6.69
C ALA A 187 -19.99 4.95 5.53
N GLY A 188 -20.97 5.64 4.95
CA GLY A 188 -21.70 5.08 3.82
C GLY A 188 -20.84 4.87 2.58
N ALA A 189 -19.97 5.82 2.29
CA ALA A 189 -19.07 5.71 1.15
C ALA A 189 -18.12 4.53 1.37
N LYS A 190 -17.64 4.43 2.61
CA LYS A 190 -16.77 3.33 2.99
C LYS A 190 -17.47 1.97 2.86
N ALA A 191 -18.74 1.89 3.25
CA ALA A 191 -19.42 0.59 3.21
C ALA A 191 -19.68 0.17 1.76
N GLY A 192 -19.95 1.16 0.90
CA GLY A 192 -20.17 0.90 -0.52
C GLY A 192 -18.95 0.30 -1.22
N LEU A 193 -17.83 0.99 -1.13
CA LEU A 193 -16.59 0.52 -1.75
C LEU A 193 -16.09 -0.79 -1.13
N THR A 194 -16.22 -0.92 0.20
CA THR A 194 -15.89 -2.18 0.86
C THR A 194 -16.66 -3.34 0.21
N PHE A 195 -17.94 -3.14 -0.07
CA PHE A 195 -18.71 -4.24 -0.65
C PHE A 195 -18.17 -4.63 -2.02
N LEU A 196 -17.79 -3.64 -2.83
CA LEU A 196 -17.18 -3.91 -4.14
C LEU A 196 -15.84 -4.66 -4.02
N VAL A 197 -14.99 -4.19 -3.11
CA VAL A 197 -13.69 -4.82 -2.93
C VAL A 197 -13.83 -6.24 -2.37
N ASP A 198 -14.81 -6.45 -1.48
CA ASP A 198 -15.15 -7.81 -1.02
C ASP A 198 -15.58 -8.74 -2.17
N LEU A 199 -16.33 -8.20 -3.14
CA LEU A 199 -16.71 -8.95 -4.34
C LEU A 199 -15.49 -9.47 -5.08
N ILE A 200 -14.51 -8.59 -5.22
CA ILE A 200 -13.26 -8.89 -5.90
C ILE A 200 -12.41 -9.86 -5.07
N LYS A 201 -12.30 -9.61 -3.77
CA LYS A 201 -11.53 -10.48 -2.89
C LYS A 201 -12.05 -11.91 -2.97
N ASN A 202 -13.37 -12.05 -3.04
CA ASN A 202 -14.01 -13.35 -3.06
C ASN A 202 -14.26 -13.87 -4.48
N LYS A 203 -13.55 -13.28 -5.45
CA LYS A 203 -13.52 -13.74 -6.84
C LYS A 203 -14.88 -13.80 -7.51
N HIS A 204 -15.69 -12.76 -7.30
CA HIS A 204 -16.97 -12.64 -7.98
C HIS A 204 -16.84 -11.62 -9.09
N MET A 205 -15.82 -10.77 -9.03
CA MET A 205 -15.38 -10.06 -10.21
C MET A 205 -13.92 -9.71 -10.15
N ASN A 206 -13.42 -9.15 -11.25
CA ASN A 206 -11.99 -8.92 -11.43
C ASN A 206 -11.65 -7.43 -11.50
N ALA A 207 -10.75 -6.99 -10.62
CA ALA A 207 -10.28 -5.60 -10.58
C ALA A 207 -9.84 -5.05 -11.94
N ASP A 208 -9.38 -5.94 -12.82
CA ASP A 208 -8.89 -5.58 -14.15
C ASP A 208 -9.97 -5.15 -15.12
N THR A 209 -11.23 -5.44 -14.80
CA THR A 209 -12.30 -5.36 -15.77
C THR A 209 -12.56 -3.93 -16.25
N ASP A 210 -12.56 -3.76 -17.58
CA ASP A 210 -12.81 -2.45 -18.19
C ASP A 210 -14.09 -2.48 -19.04
N TYR A 211 -14.33 -1.38 -19.77
CA TYR A 211 -15.54 -1.26 -20.58
C TYR A 211 -15.62 -2.34 -21.65
N SER A 212 -14.52 -2.56 -22.37
CA SER A 212 -14.56 -3.44 -23.55
C SER A 212 -14.77 -4.90 -23.17
N ILE A 213 -14.14 -5.37 -22.11
CA ILE A 213 -14.26 -6.79 -21.82
C ILE A 213 -15.61 -7.06 -21.14
N ALA A 214 -16.14 -6.09 -20.39
CA ALA A 214 -17.46 -6.28 -19.80
C ALA A 214 -18.54 -6.27 -20.89
N GLU A 215 -18.43 -5.33 -21.81
CA GLU A 215 -19.36 -5.29 -22.94
C GLU A 215 -19.27 -6.58 -23.76
N ALA A 216 -18.06 -7.04 -24.03
CA ALA A 216 -17.87 -8.26 -24.81
C ALA A 216 -18.42 -9.48 -24.07
N ALA A 217 -18.08 -9.61 -22.79
CA ALA A 217 -18.57 -10.73 -22.00
C ALA A 217 -20.11 -10.76 -21.97
N PHE A 218 -20.74 -9.61 -21.83
CA PHE A 218 -22.20 -9.63 -21.78
C PHE A 218 -22.81 -9.98 -23.14
N ASN A 219 -22.31 -9.38 -24.22
CA ASN A 219 -22.97 -9.51 -25.52
C ASN A 219 -22.71 -10.86 -26.16
N LYS A 220 -21.81 -11.64 -25.55
CA LYS A 220 -21.57 -13.00 -25.97
C LYS A 220 -22.25 -14.01 -25.04
N GLY A 221 -23.02 -13.51 -24.09
CA GLY A 221 -23.69 -14.36 -23.11
C GLY A 221 -22.82 -15.05 -22.05
N GLU A 222 -21.68 -14.47 -21.70
CA GLU A 222 -20.80 -15.09 -20.71
C GLU A 222 -21.08 -14.60 -19.30
N THR A 223 -21.63 -13.40 -19.17
CA THR A 223 -22.00 -12.87 -17.88
C THR A 223 -23.49 -12.52 -17.87
N ALA A 224 -24.16 -12.74 -16.74
CA ALA A 224 -25.61 -12.53 -16.66
C ALA A 224 -26.00 -11.07 -16.54
N MET A 225 -25.11 -10.23 -16.03
CA MET A 225 -25.44 -8.83 -15.79
C MET A 225 -24.30 -7.88 -16.13
N THR A 226 -24.67 -6.65 -16.45
CA THR A 226 -23.70 -5.59 -16.54
C THR A 226 -24.39 -4.32 -16.08
N ILE A 227 -23.61 -3.26 -15.88
CA ILE A 227 -24.17 -1.95 -15.55
C ILE A 227 -23.73 -0.99 -16.65
N ASN A 228 -24.67 -0.35 -17.31
CA ASN A 228 -24.33 0.52 -18.41
C ASN A 228 -25.46 1.49 -18.69
N GLY A 229 -25.19 2.42 -19.61
CA GLY A 229 -26.19 3.38 -20.04
C GLY A 229 -26.81 3.04 -21.40
N PRO A 230 -27.80 3.84 -21.81
CA PRO A 230 -28.58 3.59 -23.04
C PRO A 230 -27.71 3.46 -24.32
N TRP A 231 -26.55 4.11 -24.36
CA TRP A 231 -25.66 4.05 -25.53
C TRP A 231 -25.22 2.62 -25.85
N ALA A 232 -25.27 1.75 -24.86
CA ALA A 232 -24.79 0.38 -25.01
C ALA A 232 -25.85 -0.57 -25.60
N TRP A 233 -27.11 -0.16 -25.60
CA TRP A 233 -28.19 -1.04 -26.07
C TRP A 233 -27.99 -1.48 -27.53
N SER A 234 -27.46 -0.59 -28.39
CA SER A 234 -27.30 -0.88 -29.82
C SER A 234 -26.49 -2.14 -30.07
N ASN A 235 -25.34 -2.25 -29.41
CA ASN A 235 -24.49 -3.39 -29.62
C ASN A 235 -25.15 -4.67 -29.15
N ILE A 236 -25.87 -4.62 -28.03
CA ILE A 236 -26.53 -5.83 -27.52
C ILE A 236 -27.64 -6.25 -28.51
N ASP A 237 -28.32 -5.25 -29.07
CA ASP A 237 -29.33 -5.53 -30.09
C ASP A 237 -28.80 -6.38 -31.25
N THR A 238 -27.58 -6.13 -31.68
CA THR A 238 -27.01 -6.85 -32.81
C THR A 238 -26.51 -8.22 -32.36
N SER A 239 -26.55 -8.45 -31.05
CA SER A 239 -26.16 -9.74 -30.49
C SER A 239 -27.36 -10.65 -30.33
N ALA A 240 -27.09 -11.90 -29.96
CA ALA A 240 -28.14 -12.89 -29.77
C ALA A 240 -28.69 -12.86 -28.34
N VAL A 241 -28.41 -11.79 -27.60
CA VAL A 241 -28.80 -11.72 -26.20
C VAL A 241 -30.20 -11.14 -26.03
N ASN A 242 -31.05 -11.87 -25.31
CA ASN A 242 -32.35 -11.36 -24.93
C ASN A 242 -32.20 -10.67 -23.59
N TYR A 243 -32.16 -9.35 -23.61
CA TYR A 243 -31.77 -8.61 -22.42
C TYR A 243 -32.91 -7.77 -21.89
N GLY A 244 -32.80 -7.43 -20.59
CA GLY A 244 -33.72 -6.49 -19.99
C GLY A 244 -32.96 -5.35 -19.34
N VAL A 245 -33.64 -4.23 -19.12
CA VAL A 245 -33.05 -3.06 -18.49
C VAL A 245 -33.89 -2.74 -17.27
N THR A 246 -33.29 -2.72 -16.08
CA THR A 246 -34.09 -2.61 -14.86
C THR A 246 -33.41 -1.78 -13.78
N VAL A 247 -34.13 -1.58 -12.68
CA VAL A 247 -33.64 -0.88 -11.49
C VAL A 247 -32.33 -1.47 -10.99
N LEU A 248 -31.37 -0.61 -10.62
CA LEU A 248 -30.14 -1.09 -9.99
C LEU A 248 -30.46 -1.74 -8.63
N PRO A 249 -29.62 -2.70 -8.20
CA PRO A 249 -29.84 -3.37 -6.91
C PRO A 249 -29.72 -2.39 -5.75
N THR A 250 -30.30 -2.77 -4.61
CA THR A 250 -30.18 -1.95 -3.42
C THR A 250 -28.99 -2.38 -2.59
N PHE A 251 -28.59 -1.51 -1.68
CA PHE A 251 -27.48 -1.77 -0.77
C PHE A 251 -27.86 -1.29 0.63
N LYS A 252 -27.76 -2.20 1.60
CA LYS A 252 -28.31 -2.03 2.96
C LYS A 252 -29.75 -1.47 2.94
N GLY A 253 -30.57 -2.00 2.04
CA GLY A 253 -31.94 -1.54 1.92
C GLY A 253 -32.10 -0.21 1.23
N GLN A 254 -30.99 0.36 0.76
CA GLN A 254 -31.02 1.69 0.13
C GLN A 254 -30.87 1.58 -1.38
N PRO A 255 -31.61 2.40 -2.13
CA PRO A 255 -31.42 2.40 -3.57
C PRO A 255 -30.02 2.84 -3.99
N SER A 256 -29.48 2.19 -5.01
CA SER A 256 -28.26 2.68 -5.66
C SER A 256 -28.54 4.04 -6.25
N LYS A 257 -27.58 4.95 -6.15
CA LYS A 257 -27.84 6.33 -6.52
C LYS A 257 -26.89 6.79 -7.61
N PRO A 258 -27.24 6.54 -8.87
CA PRO A 258 -26.35 6.95 -9.96
C PRO A 258 -26.23 8.47 -10.06
N PHE A 259 -25.03 8.97 -10.36
CA PHE A 259 -24.91 10.36 -10.77
C PHE A 259 -25.49 10.45 -12.17
N VAL A 260 -26.50 11.27 -12.34
CA VAL A 260 -27.16 11.45 -13.63
C VAL A 260 -26.49 12.54 -14.46
N GLY A 261 -26.21 12.24 -15.74
CA GLY A 261 -25.58 13.21 -16.60
C GLY A 261 -26.51 13.68 -17.70
N VAL A 262 -26.30 14.92 -18.14
CA VAL A 262 -27.02 15.45 -19.29
C VAL A 262 -26.04 15.65 -20.43
N LEU A 263 -26.11 14.81 -21.46
CA LEU A 263 -25.27 14.97 -22.64
C LEU A 263 -25.54 16.34 -23.25
N SER A 264 -24.49 17.14 -23.41
CA SER A 264 -24.65 18.54 -23.81
C SER A 264 -23.69 18.94 -24.93
N ALA A 265 -24.01 20.02 -25.63
CA ALA A 265 -23.19 20.47 -26.74
C ALA A 265 -22.71 21.91 -26.51
N GLY A 266 -21.41 22.08 -26.37
CA GLY A 266 -20.86 23.41 -26.13
C GLY A 266 -20.28 24.00 -27.41
N ILE A 267 -20.28 25.32 -27.50
CA ILE A 267 -19.69 26.01 -28.65
C ILE A 267 -18.37 26.69 -28.27
N ASN A 268 -17.30 26.31 -28.97
CA ASN A 268 -15.96 26.83 -28.72
C ASN A 268 -15.94 28.33 -28.80
N ALA A 269 -15.28 28.95 -27.82
CA ALA A 269 -15.20 30.40 -27.73
C ALA A 269 -14.38 31.00 -28.87
N ALA A 270 -13.40 30.26 -29.37
CA ALA A 270 -12.56 30.77 -30.46
C ALA A 270 -13.11 30.43 -31.85
N SER A 271 -14.34 29.92 -31.91
CA SER A 271 -14.90 29.52 -33.20
C SER A 271 -15.44 30.71 -33.98
N PRO A 272 -15.05 30.79 -35.27
CA PRO A 272 -15.53 31.76 -36.26
C PRO A 272 -16.95 31.44 -36.70
N ASN A 273 -17.47 30.30 -36.25
CA ASN A 273 -18.70 29.78 -36.84
C ASN A 273 -19.79 29.58 -35.82
N LYS A 274 -19.87 30.51 -34.86
CA LYS A 274 -20.83 30.40 -33.77
C LYS A 274 -22.27 30.43 -34.24
N GLU A 275 -22.52 31.04 -35.40
CA GLU A 275 -23.89 31.10 -35.91
C GLU A 275 -24.23 29.84 -36.70
N LEU A 276 -23.26 29.35 -37.47
CA LEU A 276 -23.42 28.07 -38.15
C LEU A 276 -23.64 26.90 -37.16
N ALA A 277 -22.98 26.98 -36.01
CA ALA A 277 -23.11 25.94 -34.99
C ALA A 277 -24.46 26.05 -34.30
N LYS A 278 -24.89 27.29 -34.06
CA LYS A 278 -26.16 27.50 -33.39
C LYS A 278 -27.29 26.97 -34.27
N GLU A 279 -27.18 27.11 -35.58
CA GLU A 279 -28.28 26.67 -36.43
C GLU A 279 -28.27 25.16 -36.60
N PHE A 280 -27.08 24.59 -36.76
CA PHE A 280 -26.96 23.14 -36.83
C PHE A 280 -27.58 22.52 -35.60
N LEU A 281 -27.19 23.02 -34.43
CA LEU A 281 -27.68 22.49 -33.16
C LEU A 281 -29.18 22.70 -32.97
N GLU A 282 -29.64 23.94 -33.11
CA GLU A 282 -31.03 24.25 -32.84
C GLU A 282 -32.00 23.73 -33.89
N ASN A 283 -31.60 23.78 -35.16
CA ASN A 283 -32.53 23.53 -36.25
C ASN A 283 -32.27 22.26 -37.04
N TYR A 284 -31.22 21.54 -36.69
CA TYR A 284 -31.00 20.24 -37.30
C TYR A 284 -30.99 19.14 -36.26
N LEU A 285 -30.08 19.25 -35.30
CA LEU A 285 -29.93 18.20 -34.30
C LEU A 285 -31.12 18.15 -33.36
N LEU A 286 -31.42 19.27 -32.71
CA LEU A 286 -32.47 19.28 -31.69
C LEU A 286 -33.87 19.33 -32.30
N THR A 287 -34.11 18.43 -33.24
CA THR A 287 -35.40 18.21 -33.87
C THR A 287 -35.74 16.74 -33.72
N ASP A 288 -36.97 16.36 -34.04
CA ASP A 288 -37.36 14.97 -33.93
C ASP A 288 -36.52 14.07 -34.83
N GLU A 289 -36.27 14.52 -36.06
CA GLU A 289 -35.60 13.67 -37.05
C GLU A 289 -34.09 13.68 -36.86
N GLY A 290 -33.57 14.77 -36.33
CA GLY A 290 -32.16 14.83 -35.98
C GLY A 290 -31.86 13.90 -34.81
N LEU A 291 -32.64 14.04 -33.74
CA LEU A 291 -32.44 13.19 -32.57
C LEU A 291 -32.68 11.72 -32.96
N GLU A 292 -33.72 11.44 -33.75
CA GLU A 292 -33.98 10.07 -34.18
CA GLU A 292 -34.00 10.08 -34.22
C GLU A 292 -32.78 9.51 -34.93
N ALA A 293 -32.17 10.32 -35.79
CA ALA A 293 -31.00 9.87 -36.55
C ALA A 293 -29.87 9.50 -35.61
N VAL A 294 -29.61 10.34 -34.62
CA VAL A 294 -28.54 10.04 -33.68
C VAL A 294 -28.95 8.83 -32.85
N ASN A 295 -30.21 8.80 -32.41
CA ASN A 295 -30.72 7.72 -31.54
C ASN A 295 -30.64 6.31 -32.17
N LYS A 296 -30.90 6.21 -33.47
CA LYS A 296 -30.91 4.88 -34.11
C LYS A 296 -29.49 4.34 -34.32
N ASP A 297 -28.50 5.23 -34.28
CA ASP A 297 -27.11 4.81 -34.23
C ASP A 297 -26.76 4.26 -32.84
N LYS A 298 -26.75 5.13 -31.83
CA LYS A 298 -26.65 4.70 -30.42
C LYS A 298 -27.70 5.48 -29.60
N PRO A 299 -28.53 4.77 -28.82
CA PRO A 299 -29.60 5.45 -28.07
C PRO A 299 -29.10 6.54 -27.11
N LEU A 300 -29.81 7.66 -27.07
CA LEU A 300 -29.39 8.81 -26.29
C LEU A 300 -29.86 8.74 -24.84
N GLY A 301 -30.88 7.94 -24.58
CA GLY A 301 -31.53 7.97 -23.27
C GLY A 301 -32.80 8.79 -23.38
N ALA A 302 -33.14 9.49 -22.29
CA ALA A 302 -34.30 10.38 -22.26
C ALA A 302 -33.91 11.75 -22.81
N VAL A 303 -34.28 12.03 -24.06
CA VAL A 303 -33.84 13.26 -24.71
C VAL A 303 -34.45 14.50 -24.06
N ALA A 304 -33.80 15.64 -24.28
CA ALA A 304 -34.26 16.91 -23.72
C ALA A 304 -35.45 17.49 -24.49
N LEU A 305 -35.60 17.09 -25.76
CA LEU A 305 -36.68 17.58 -26.61
C LEU A 305 -38.00 16.93 -26.24
N LYS A 306 -38.92 17.74 -25.72
CA LYS A 306 -40.23 17.24 -25.27
C LYS A 306 -40.96 16.42 -26.34
N SER A 307 -41.05 16.96 -27.55
CA SER A 307 -41.78 16.32 -28.64
C SER A 307 -41.33 14.87 -28.90
N TYR A 308 -40.03 14.63 -28.80
CA TYR A 308 -39.48 13.32 -29.11
C TYR A 308 -39.51 12.41 -27.90
N GLU A 309 -39.36 13.00 -26.72
CA GLU A 309 -39.28 12.21 -25.50
C GLU A 309 -40.61 11.54 -25.17
N GLU A 310 -41.70 12.14 -25.66
CA GLU A 310 -43.03 11.59 -25.46
C GLU A 310 -43.14 10.19 -26.07
N GLU A 311 -42.52 10.00 -27.23
CA GLU A 311 -42.48 8.66 -27.85
C GLU A 311 -41.47 7.79 -27.11
N LEU A 312 -40.25 8.30 -26.95
CA LEU A 312 -39.19 7.54 -26.32
C LEU A 312 -39.59 6.99 -24.96
N ALA A 313 -40.39 7.75 -24.21
CA ALA A 313 -40.73 7.39 -22.84
C ALA A 313 -41.67 6.20 -22.74
N LYS A 314 -42.17 5.72 -23.87
CA LYS A 314 -43.04 4.54 -23.89
C LYS A 314 -42.21 3.25 -23.90
N ASP A 315 -40.90 3.40 -24.12
CA ASP A 315 -39.96 2.28 -24.10
C ASP A 315 -39.69 1.88 -22.65
N PRO A 316 -40.03 0.64 -22.28
CA PRO A 316 -39.72 0.15 -20.91
C PRO A 316 -38.27 0.42 -20.49
N ARG A 317 -37.35 0.36 -21.46
CA ARG A 317 -35.93 0.58 -21.19
C ARG A 317 -35.67 2.02 -20.72
N ILE A 318 -36.36 2.97 -21.36
CA ILE A 318 -36.21 4.35 -20.97
C ILE A 318 -36.96 4.62 -19.65
N ALA A 319 -38.07 3.90 -19.43
CA ALA A 319 -38.73 3.98 -18.13
C ALA A 319 -37.80 3.50 -17.01
N ALA A 320 -37.02 2.45 -17.28
CA ALA A 320 -36.05 1.96 -16.30
C ALA A 320 -34.90 2.96 -16.09
N THR A 321 -34.42 3.55 -17.18
CA THR A 321 -33.43 4.61 -17.09
C THR A 321 -33.92 5.73 -16.20
N MET A 322 -35.15 6.19 -16.42
CA MET A 322 -35.65 7.29 -15.61
C MET A 322 -35.92 6.90 -14.15
N GLU A 323 -36.26 5.65 -13.91
CA GLU A 323 -36.47 5.22 -12.53
C GLU A 323 -35.14 5.31 -11.76
N ASN A 324 -34.09 4.78 -12.36
CA ASN A 324 -32.73 4.88 -11.79
C ASN A 324 -32.28 6.34 -11.62
N ALA A 325 -32.57 7.18 -12.62
CA ALA A 325 -32.22 8.58 -12.56
C ALA A 325 -32.88 9.26 -11.35
N GLN A 326 -34.13 8.94 -11.09
CA GLN A 326 -34.88 9.56 -10.00
C GLN A 326 -34.32 9.16 -8.65
N LYS A 327 -33.73 7.98 -8.58
CA LYS A 327 -33.17 7.52 -7.31
C LYS A 327 -31.77 8.13 -7.09
N GLY A 328 -31.16 8.64 -8.16
CA GLY A 328 -29.85 9.27 -8.09
C GLY A 328 -29.96 10.79 -8.15
N GLU A 329 -28.87 11.47 -8.49
CA GLU A 329 -28.89 12.93 -8.55
C GLU A 329 -28.21 13.47 -9.80
N ILE A 330 -28.74 14.57 -10.34
CA ILE A 330 -28.09 15.27 -11.43
C ILE A 330 -26.73 15.75 -10.93
N MET A 331 -25.68 15.53 -11.72
CA MET A 331 -24.36 15.97 -11.29
C MET A 331 -24.28 17.49 -11.13
N PRO A 332 -23.43 17.95 -10.20
CA PRO A 332 -23.00 19.34 -10.19
C PRO A 332 -22.25 19.63 -11.48
N ASN A 333 -22.20 20.89 -11.92
CA ASN A 333 -21.37 21.19 -13.05
C ASN A 333 -20.18 22.07 -12.64
N ILE A 334 -19.93 22.19 -11.35
CA ILE A 334 -18.83 23.06 -10.89
C ILE A 334 -17.47 22.54 -11.37
N PRO A 335 -16.45 23.44 -11.41
CA PRO A 335 -15.11 23.06 -11.92
C PRO A 335 -14.44 21.96 -11.10
N GLN A 336 -14.77 21.89 -9.82
CA GLN A 336 -14.17 20.90 -8.92
C GLN A 336 -14.62 19.47 -9.23
N MET A 337 -15.57 19.32 -10.16
CA MET A 337 -16.08 18.00 -10.47
C MET A 337 -15.02 17.09 -11.05
N SER A 338 -14.11 17.61 -11.87
CA SER A 338 -13.10 16.74 -12.43
C SER A 338 -12.11 16.32 -11.35
N ALA A 339 -11.74 17.25 -10.46
CA ALA A 339 -10.90 16.86 -9.31
C ALA A 339 -11.56 15.74 -8.50
N PHE A 340 -12.87 15.84 -8.30
CA PHE A 340 -13.63 14.82 -7.62
C PHE A 340 -13.53 13.46 -8.35
N TRP A 341 -13.75 13.48 -9.66
CA TRP A 341 -13.79 12.26 -10.43
C TRP A 341 -12.41 11.62 -10.48
N TYR A 342 -11.36 12.41 -10.70
CA TYR A 342 -10.00 11.85 -10.73
C TYR A 342 -9.63 11.27 -9.35
N ALA A 343 -10.06 11.94 -8.28
CA ALA A 343 -9.85 11.43 -6.92
C ALA A 343 -10.54 10.09 -6.68
N VAL A 344 -11.78 9.97 -7.12
CA VAL A 344 -12.51 8.73 -6.85
C VAL A 344 -12.01 7.61 -7.76
N ARG A 345 -11.61 7.94 -8.99
CA ARG A 345 -11.04 6.97 -9.90
CA ARG A 345 -11.04 6.95 -9.91
C ARG A 345 -9.83 6.28 -9.28
N THR A 346 -8.88 7.06 -8.79
CA THR A 346 -7.71 6.47 -8.12
C THR A 346 -8.10 5.64 -6.89
N ALA A 347 -9.06 6.13 -6.11
CA ALA A 347 -9.48 5.42 -4.90
C ALA A 347 -10.02 4.04 -5.22
N VAL A 348 -10.91 3.96 -6.23
CA VAL A 348 -11.55 2.70 -6.60
C VAL A 348 -10.51 1.75 -7.17
N ILE A 349 -9.67 2.26 -8.06
CA ILE A 349 -8.61 1.45 -8.65
C ILE A 349 -7.61 0.93 -7.60
N ASN A 350 -7.19 1.79 -6.68
CA ASN A 350 -6.23 1.38 -5.67
C ASN A 350 -6.83 0.41 -4.67
N ALA A 351 -8.08 0.65 -4.26
CA ALA A 351 -8.77 -0.27 -3.34
C ALA A 351 -9.05 -1.63 -3.97
N ALA A 352 -9.55 -1.62 -5.22
CA ALA A 352 -9.92 -2.83 -5.93
C ALA A 352 -8.71 -3.73 -6.19
N SER A 353 -7.58 -3.11 -6.48
CA SER A 353 -6.37 -3.84 -6.83
C SER A 353 -5.59 -4.25 -5.58
N GLY A 354 -6.04 -3.77 -4.41
CA GLY A 354 -5.38 -4.08 -3.15
C GLY A 354 -4.12 -3.30 -2.83
N ARG A 355 -3.87 -2.20 -3.56
CA ARG A 355 -2.71 -1.35 -3.29
C ARG A 355 -2.89 -0.51 -2.03
N GLN A 356 -4.14 -0.19 -1.70
CA GLN A 356 -4.49 0.52 -0.47
C GLN A 356 -5.70 -0.13 0.17
N THR A 357 -5.88 0.04 1.48
CA THR A 357 -7.15 -0.35 2.10
C THR A 357 -8.26 0.57 1.60
N VAL A 358 -9.51 0.15 1.80
CA VAL A 358 -10.63 1.01 1.43
C VAL A 358 -10.59 2.33 2.20
N ASP A 359 -10.25 2.29 3.49
CA ASP A 359 -10.26 3.52 4.28
C ASP A 359 -9.13 4.47 3.88
N ALA A 360 -7.94 3.90 3.64
CA ALA A 360 -6.81 4.70 3.18
C ALA A 360 -7.08 5.34 1.80
N ALA A 361 -7.60 4.54 0.87
CA ALA A 361 -7.92 5.03 -0.48
C ALA A 361 -8.92 6.17 -0.46
N LEU A 362 -9.97 6.05 0.34
CA LEU A 362 -11.01 7.07 0.42
C LEU A 362 -10.54 8.29 1.20
N ALA A 363 -9.63 8.07 2.14
CA ALA A 363 -9.04 9.18 2.90
C ALA A 363 -8.25 10.08 1.95
N ALA A 364 -7.44 9.47 1.10
CA ALA A 364 -6.64 10.21 0.12
C ALA A 364 -7.54 10.88 -0.96
N ALA A 365 -8.64 10.22 -1.31
CA ALA A 365 -9.61 10.79 -2.22
C ALA A 365 -10.25 12.06 -1.65
N GLN A 366 -10.55 12.04 -0.35
CA GLN A 366 -11.15 13.18 0.30
C GLN A 366 -10.22 14.37 0.21
N THR A 367 -8.95 14.16 0.53
CA THR A 367 -7.95 15.22 0.42
C THR A 367 -7.81 15.74 -1.03
N ASN A 368 -7.64 14.83 -1.99
CA ASN A 368 -7.48 15.23 -3.39
C ASN A 368 -8.69 15.98 -3.96
N ALA A 369 -9.90 15.54 -3.63
CA ALA A 369 -11.10 16.20 -4.12
C ALA A 369 -11.27 17.60 -3.52
N ALA A 370 -10.86 17.79 -2.28
CA ALA A 370 -10.98 19.10 -1.62
C ALA A 370 -9.74 19.99 -1.78
N ALA A 371 -8.75 19.55 -2.55
CA ALA A 371 -7.51 20.31 -2.75
C ALA A 371 -7.75 21.66 -3.42
N ALA A 372 -6.86 22.61 -3.14
CA ALA A 372 -6.90 23.91 -3.81
C ALA A 372 -6.75 23.74 -5.33
N TYR A 373 -7.35 24.67 -6.06
CA TYR A 373 -7.44 24.60 -7.52
C TYR A 373 -6.10 24.46 -8.23
N GLN A 374 -5.08 25.21 -7.81
CA GLN A 374 -3.79 25.14 -8.52
C GLN A 374 -3.14 23.75 -8.32
N ASN A 375 -3.35 23.13 -7.17
CA ASN A 375 -2.88 21.78 -6.92
C ASN A 375 -3.41 20.77 -7.94
N TYR A 376 -4.72 20.82 -8.21
CA TYR A 376 -5.35 19.97 -9.20
C TYR A 376 -4.81 20.29 -10.60
N ILE A 377 -4.71 21.58 -10.91
CA ILE A 377 -4.17 22.04 -12.18
C ILE A 377 -2.72 21.62 -12.41
N ALA A 378 -1.89 21.75 -11.38
CA ALA A 378 -0.48 21.38 -11.50
C ALA A 378 -0.37 19.89 -11.85
N LYS A 379 -1.14 19.04 -11.15
CA LYS A 379 -1.09 17.59 -11.34
C LYS A 379 -1.57 17.27 -12.75
N SER A 380 -2.64 17.92 -13.16
CA SER A 380 -3.15 17.76 -14.51
C SER A 380 -2.13 18.14 -15.59
N GLN A 381 -1.45 19.26 -15.40
CA GLN A 381 -0.53 19.73 -16.45
C GLN A 381 0.69 18.80 -16.55
N VAL A 382 1.23 18.37 -15.41
CA VAL A 382 2.30 17.38 -15.42
C VAL A 382 1.88 16.08 -16.13
N SER A 383 0.69 15.57 -15.81
CA SER A 383 0.16 14.37 -16.45
C SER A 383 0.02 14.54 -17.94
N THR A 384 -0.53 15.67 -18.35
CA THR A 384 -0.66 16.00 -19.75
C THR A 384 0.69 16.06 -20.48
N GLY A 385 1.68 16.68 -19.82
CA GLY A 385 3.01 16.78 -20.41
C GLY A 385 3.60 15.40 -20.65
N LEU A 386 3.42 14.54 -19.68
CA LEU A 386 3.88 13.16 -19.80
C LEU A 386 3.18 12.42 -20.95
N ALA A 387 1.88 12.61 -21.08
CA ALA A 387 1.12 11.99 -22.16
C ALA A 387 1.57 12.54 -23.50
N ASP A 388 2.01 13.81 -23.52
CA ASP A 388 2.48 14.42 -24.77
C ASP A 388 3.78 13.82 -25.31
N ILE A 389 4.51 13.05 -24.50
CA ILE A 389 5.79 12.50 -24.96
C ILE A 389 5.82 10.98 -24.96
N THR A 390 4.92 10.35 -24.22
CA THR A 390 4.90 8.90 -24.08
C THR A 390 4.75 8.14 -25.40
N ALA A 391 4.04 8.69 -26.38
CA ALA A 391 3.95 8.03 -27.69
C ALA A 391 5.30 7.90 -28.38
N GLY A 392 6.29 8.68 -27.94
CA GLY A 392 7.61 8.66 -28.55
C GLY A 392 8.41 7.41 -28.21
N LYS A 393 8.15 6.76 -27.10
CA LYS A 393 8.92 5.59 -26.72
C LYS A 393 8.85 4.45 -27.72
N THR A 394 7.66 3.96 -28.00
CA THR A 394 7.45 2.90 -28.92
C THR A 394 8.12 3.18 -30.24
N ASN A 395 7.93 4.34 -30.80
CA ASN A 395 8.56 4.68 -32.07
C ASN A 395 10.09 4.70 -32.00
N ALA A 396 10.59 5.17 -30.87
CA ALA A 396 12.01 5.19 -30.63
C ALA A 396 12.53 3.74 -30.71
N GLU A 397 11.80 2.82 -30.10
CA GLU A 397 12.21 1.42 -30.07
C GLU A 397 12.24 0.79 -31.47
N THR A 398 11.34 1.20 -32.34
CA THR A 398 11.35 0.77 -33.73
C THR A 398 12.59 1.26 -34.49
N LYS A 399 13.00 2.51 -34.24
CA LYS A 399 14.23 3.03 -34.84
C LYS A 399 15.48 2.31 -34.32
N LEU A 400 15.49 2.00 -33.02
CA LEU A 400 16.63 1.34 -32.41
C LEU A 400 16.74 -0.06 -33.00
N ALA A 401 15.60 -0.66 -33.33
CA ALA A 401 15.55 -2.00 -33.89
C ALA A 401 16.16 -2.06 -35.29
N GLU A 402 15.90 -1.04 -36.10
CA GLU A 402 16.55 -0.92 -37.40
C GLU A 402 18.04 -0.62 -37.23
N GLY A 403 18.37 0.11 -36.18
CA GLY A 403 19.73 0.55 -35.93
C GLY A 403 19.92 1.97 -36.42
N LEU A 404 20.70 2.76 -35.67
CA LEU A 404 20.95 4.15 -36.02
C LEU A 404 22.44 4.38 -36.34
N THR A 405 22.71 5.14 -37.41
CA THR A 405 24.06 5.54 -37.72
C THR A 405 24.38 6.90 -37.11
N ALA A 406 23.33 7.60 -36.69
CA ALA A 406 23.47 8.91 -36.03
C ALA A 406 22.38 9.05 -34.98
N ALA A 407 22.69 9.70 -33.87
CA ALA A 407 21.67 9.99 -32.87
C ALA A 407 20.48 10.71 -33.52
N LEU A 408 19.27 10.26 -33.19
CA LEU A 408 18.06 10.90 -33.69
C LEU A 408 17.61 12.04 -32.78
N THR A 409 17.43 13.22 -33.34
CA THR A 409 17.05 14.42 -32.56
C THR A 409 15.78 15.09 -33.09
N ASP A 410 15.18 14.48 -34.11
CA ASP A 410 13.95 14.94 -34.74
C ASP A 410 12.71 14.35 -34.07
N VAL A 411 12.01 15.14 -33.25
CA VAL A 411 10.86 14.61 -32.52
C VAL A 411 9.71 14.23 -33.46
N GLU A 412 9.62 14.86 -34.62
CA GLU A 412 8.61 14.48 -35.61
C GLU A 412 8.76 13.00 -35.95
N ALA A 413 10.00 12.55 -36.15
CA ALA A 413 10.28 11.17 -36.50
C ALA A 413 9.83 10.19 -35.42
N LEU A 414 9.43 10.70 -34.26
CA LEU A 414 8.93 9.82 -33.20
C LEU A 414 7.42 9.97 -33.07
N GLY A 415 6.81 10.72 -33.97
CA GLY A 415 5.38 10.94 -33.92
C GLY A 415 4.98 11.97 -32.88
N LEU A 416 5.92 12.87 -32.55
CA LEU A 416 5.69 13.88 -31.52
C LEU A 416 5.70 15.29 -32.11
N GLN A 417 5.10 16.23 -31.38
CA GLN A 417 5.18 17.64 -31.76
C GLN A 417 6.36 18.30 -31.06
N LYS A 418 6.87 19.39 -31.63
CA LYS A 418 7.95 20.16 -31.02
C LYS A 418 7.51 20.95 -29.77
N SER A 419 6.21 21.20 -29.69
CA SER A 419 5.63 21.88 -28.53
C SER A 419 4.13 21.57 -28.43
N THR A 420 3.59 21.67 -27.22
CA THR A 420 2.16 21.44 -26.93
C THR A 420 1.71 22.51 -25.92
N ASN A 421 0.44 22.49 -25.51
CA ASN A 421 -0.05 23.44 -24.49
C ASN A 421 0.60 23.20 -23.15
N ALA A 422 1.04 21.97 -22.88
CA ALA A 422 1.63 21.65 -21.60
C ALA A 422 3.15 21.59 -21.67
N CYS A 423 3.69 21.54 -22.88
CA CYS A 423 5.15 21.45 -23.11
C CYS A 423 5.62 22.59 -23.99
N SER A 424 6.37 23.52 -23.44
CA SER A 424 6.84 24.65 -24.24
C SER A 424 7.86 24.19 -25.27
N THR A 425 8.64 23.17 -24.93
CA THR A 425 9.44 22.47 -25.93
C THR A 425 9.41 20.98 -25.62
N ILE A 426 9.50 20.19 -26.67
CA ILE A 426 9.71 18.75 -26.56
C ILE A 426 10.96 18.44 -27.35
N THR A 427 11.94 17.83 -26.69
CA THR A 427 13.18 17.52 -27.37
C THR A 427 13.48 16.04 -27.20
N THR A 428 14.40 15.53 -28.01
CA THR A 428 14.78 14.13 -27.90
C THR A 428 16.20 13.95 -28.36
N SER A 429 16.84 12.94 -27.79
CA SER A 429 18.03 12.39 -28.38
C SER A 429 17.92 10.89 -28.24
N ILE A 430 17.74 10.18 -29.34
CA ILE A 430 17.76 8.72 -29.30
C ILE A 430 19.16 8.32 -29.75
N GLY A 431 20.00 7.88 -28.80
CA GLY A 431 21.40 7.59 -29.07
C GLY A 431 21.64 6.30 -29.87
N THR A 432 22.78 6.21 -30.56
CA THR A 432 23.08 5.01 -31.36
C THR A 432 23.25 3.74 -30.52
N ASN A 433 23.58 3.92 -29.24
CA ASN A 433 23.76 2.79 -28.32
C ASN A 433 22.50 2.52 -27.48
N GLY A 434 21.42 3.23 -27.83
CA GLY A 434 20.14 3.11 -27.13
C GLY A 434 19.90 4.11 -25.98
N ALA A 435 20.97 4.68 -25.44
CA ALA A 435 20.80 5.66 -24.37
C ALA A 435 20.03 6.85 -24.95
N SER A 436 18.92 7.21 -24.29
CA SER A 436 17.99 8.16 -24.87
C SER A 436 17.23 8.99 -23.84
N ASN A 437 16.66 10.08 -24.33
CA ASN A 437 15.73 10.87 -23.52
C ASN A 437 14.69 11.49 -24.45
N ILE A 438 13.46 11.59 -23.95
CA ILE A 438 12.42 12.39 -24.57
C ILE A 438 11.94 13.33 -23.48
N THR A 439 12.08 14.64 -23.70
CA THR A 439 11.97 15.59 -22.62
C THR A 439 10.89 16.65 -22.85
N CYS A 440 9.96 16.73 -21.91
CA CYS A 440 8.97 17.80 -21.88
C CYS A 440 9.38 18.90 -20.91
N THR A 441 9.54 20.14 -21.39
CA THR A 441 9.70 21.28 -20.48
C THR A 441 8.31 21.86 -20.23
N LEU A 442 7.85 21.76 -18.98
CA LEU A 442 6.44 21.94 -18.65
C LEU A 442 6.09 23.42 -18.66
N LYS A 443 4.85 23.70 -19.02
CA LYS A 443 4.34 25.06 -19.05
C LYS A 443 2.96 25.10 -18.39
N GLY A 444 2.73 26.04 -17.49
CA GLY A 444 1.44 26.18 -16.82
C GLY A 444 1.58 26.85 -15.46
N THR A 445 0.87 26.36 -14.45
CA THR A 445 0.85 27.04 -13.16
C THR A 445 2.25 27.05 -12.52
N SER A 446 2.52 28.10 -11.74
CA SER A 446 3.90 28.38 -11.32
C SER A 446 4.57 27.25 -10.56
N GLN A 447 3.76 26.42 -9.91
CA GLN A 447 4.24 25.24 -9.21
C GLN A 447 5.01 24.26 -10.08
N ILE A 448 4.66 24.17 -11.37
CA ILE A 448 5.33 23.25 -12.28
C ILE A 448 5.96 23.93 -13.50
N ASN A 449 5.71 25.22 -13.68
CA ASN A 449 6.21 25.91 -14.87
C ASN A 449 7.74 25.85 -14.93
N SER A 450 8.25 25.50 -16.12
CA SER A 450 9.67 25.31 -16.44
C SER A 450 10.33 24.09 -15.76
N LYS A 451 9.56 23.28 -15.04
CA LYS A 451 10.11 22.00 -14.58
C LYS A 451 10.17 21.05 -15.80
N LYS A 452 10.89 19.95 -15.67
CA LYS A 452 10.97 19.00 -16.77
C LYS A 452 10.34 17.69 -16.34
N ILE A 453 9.65 17.03 -17.26
CA ILE A 453 9.31 15.62 -17.09
C ILE A 453 9.81 14.91 -18.35
N GLU A 454 10.40 13.73 -18.19
CA GLU A 454 11.04 13.07 -19.31
C GLU A 454 11.07 11.56 -19.19
N TRP A 455 11.10 10.91 -20.35
CA TRP A 455 11.40 9.47 -20.42
C TRP A 455 12.89 9.28 -20.66
N ILE A 456 13.55 8.56 -19.76
CA ILE A 456 14.96 8.25 -19.89
C ILE A 456 15.14 6.77 -20.21
N ARG A 457 15.95 6.46 -21.23
CA ARG A 457 16.22 5.07 -21.61
C ARG A 457 17.71 4.81 -21.39
N ASP A 458 18.03 3.77 -20.65
CA ASP A 458 19.43 3.35 -20.50
C ASP A 458 19.98 2.75 -21.78
N ALA A 459 21.31 2.79 -21.93
CA ALA A 459 21.98 2.16 -23.07
C ALA A 459 21.81 0.63 -23.09
N ASP A 460 21.67 0.07 -24.29
CA ASP A 460 21.80 -1.38 -24.46
C ASP A 460 23.29 -1.72 -24.33
N ASN A 461 23.62 -2.96 -24.00
CA ASN A 461 25.01 -3.32 -23.79
C ASN A 461 25.34 -4.59 -24.56
N ALA A 462 26.20 -4.44 -25.57
CA ALA A 462 26.53 -5.52 -26.47
C ALA A 462 27.51 -6.54 -25.85
N THR A 463 28.31 -6.12 -24.89
CA THR A 463 29.21 -7.10 -24.29
C THR A 463 28.41 -7.97 -23.35
N ASN A 464 27.52 -7.36 -22.57
CA ASN A 464 26.67 -8.12 -21.64
C ASN A 464 25.41 -8.69 -22.28
N GLY A 465 25.00 -8.20 -23.43
CA GLY A 465 23.75 -8.67 -24.00
C GLY A 465 22.52 -8.23 -23.22
N THR A 466 22.58 -7.02 -22.66
CA THR A 466 21.43 -6.44 -21.94
C THR A 466 20.76 -5.29 -22.68
N THR A 467 19.43 -5.22 -22.56
CA THR A 467 18.62 -4.17 -23.17
C THR A 467 18.29 -3.10 -22.14
N GLY A 468 18.51 -1.82 -22.47
CA GLY A 468 18.17 -0.73 -21.58
C GLY A 468 16.68 -0.52 -21.33
N ALA A 469 16.31 -0.17 -20.10
CA ALA A 469 14.91 0.08 -19.77
C ALA A 469 14.59 1.57 -19.74
N TRP A 470 13.30 1.90 -19.87
CA TRP A 470 12.79 3.28 -19.76
C TRP A 470 12.34 3.61 -18.32
N ARG A 471 12.62 4.84 -17.87
CA ARG A 471 12.16 5.33 -16.58
C ARG A 471 11.65 6.78 -16.71
N CYS A 472 10.52 7.08 -16.09
CA CYS A 472 10.01 8.46 -16.06
C CYS A 472 10.61 9.27 -14.93
N LYS A 473 11.29 10.37 -15.27
CA LYS A 473 11.94 11.21 -14.27
C LYS A 473 11.41 12.66 -14.31
N THR A 474 11.37 13.34 -13.18
CA THR A 474 10.90 14.73 -13.16
C THR A 474 11.45 15.47 -11.93
N ASP A 475 11.62 16.78 -12.04
CA ASP A 475 12.06 17.55 -10.89
C ASP A 475 10.89 18.29 -10.25
N VAL A 476 9.68 17.97 -10.68
CA VAL A 476 8.45 18.42 -10.05
C VAL A 476 8.35 17.88 -8.60
N ALA A 477 7.70 18.61 -7.69
CA ALA A 477 7.57 18.16 -6.29
C ALA A 477 6.90 16.80 -6.19
N GLU A 478 7.29 16.03 -5.18
CA GLU A 478 6.83 14.64 -5.07
C GLU A 478 5.30 14.51 -5.08
N ASN A 479 4.60 15.39 -4.38
CA ASN A 479 3.15 15.27 -4.27
C ASN A 479 2.43 15.65 -5.56
N LEU A 480 3.19 16.13 -6.54
CA LEU A 480 2.60 16.50 -7.82
C LEU A 480 2.95 15.46 -8.91
N ARG A 481 3.92 14.61 -8.63
CA ARG A 481 4.37 13.59 -9.60
C ARG A 481 3.32 12.55 -9.93
N PRO A 482 3.16 12.23 -11.21
CA PRO A 482 2.24 11.15 -11.57
C PRO A 482 2.77 9.79 -11.13
N LYS A 483 1.86 8.82 -11.16
CA LYS A 483 2.14 7.41 -10.88
C LYS A 483 3.29 6.90 -11.74
N SER A 484 4.37 6.48 -11.06
CA SER A 484 5.55 5.84 -11.66
C SER A 484 6.61 6.80 -12.17
N CYS A 485 6.49 8.09 -11.86
CA CYS A 485 7.62 8.97 -12.10
C CYS A 485 8.32 9.18 -10.78
N GLY A 486 9.64 9.27 -10.84
CA GLY A 486 10.41 9.53 -9.65
C GLY A 486 11.20 10.80 -9.87
N ALA A 487 11.96 11.21 -8.87
CA ALA A 487 12.84 12.36 -8.99
C ALA A 487 14.10 12.00 -9.75
N SER A 488 14.79 13.00 -10.27
CA SER A 488 16.07 12.75 -10.92
C SER A 488 17.21 12.84 -9.91
N GLY A 489 18.40 12.38 -10.29
CA GLY A 489 19.55 12.41 -9.41
C GLY A 489 20.92 12.49 -10.08
N SER A 490 21.80 13.32 -9.49
CA SER A 490 23.20 13.38 -9.88
C SER A 490 23.97 14.13 -8.81
N LYS B 2 0.06 -3.26 -0.33
CA LYS B 2 1.27 -3.61 -1.06
C LYS B 2 2.42 -2.60 -0.86
N ILE B 3 3.61 -3.03 -1.22
CA ILE B 3 4.84 -2.24 -1.12
C ILE B 3 4.92 -1.27 -2.30
N GLU B 4 5.21 0.02 -2.07
CA GLU B 4 5.19 0.95 -3.19
C GLU B 4 6.49 0.93 -3.98
N GLU B 5 6.33 0.98 -5.30
CA GLU B 5 7.41 0.90 -6.25
C GLU B 5 8.11 2.25 -6.42
N GLY B 6 9.42 2.25 -6.60
CA GLY B 6 10.17 3.48 -6.83
C GLY B 6 10.61 4.16 -5.55
N LYS B 7 10.75 3.37 -4.50
CA LYS B 7 11.06 3.85 -3.16
C LYS B 7 11.62 2.66 -2.36
N LEU B 8 12.40 2.91 -1.32
CA LEU B 8 12.88 1.83 -0.45
C LEU B 8 12.49 2.10 0.99
N VAL B 9 11.90 1.10 1.63
CA VAL B 9 11.57 1.17 3.03
C VAL B 9 12.41 0.12 3.74
N ILE B 10 13.07 0.54 4.82
CA ILE B 10 14.06 -0.28 5.49
C ILE B 10 13.69 -0.41 6.96
N TRP B 11 13.68 -1.64 7.48
CA TRP B 11 13.51 -1.88 8.91
C TRP B 11 14.83 -2.30 9.53
N ILE B 12 15.15 -1.69 10.66
CA ILE B 12 16.34 -2.04 11.41
C ILE B 12 16.04 -1.84 12.91
N ASN B 13 16.68 -2.61 13.78
CA ASN B 13 16.33 -2.56 15.20
C ASN B 13 16.67 -1.24 15.87
N GLY B 14 15.95 -0.91 16.94
CA GLY B 14 16.15 0.34 17.65
C GLY B 14 17.47 0.48 18.41
N ASP B 15 18.19 -0.62 18.61
CA ASP B 15 19.49 -0.49 19.27
C ASP B 15 20.62 -0.29 18.27
N LYS B 16 20.30 -0.26 16.98
CA LYS B 16 21.32 -0.09 15.95
C LYS B 16 21.38 1.37 15.47
N GLY B 17 22.39 1.70 14.67
CA GLY B 17 22.58 3.08 14.24
C GLY B 17 21.74 3.46 13.03
N TYR B 18 20.46 3.72 13.26
CA TYR B 18 19.51 3.92 12.16
C TYR B 18 19.56 5.36 11.62
N ASN B 19 20.11 6.27 12.41
CA ASN B 19 20.32 7.63 11.94
C ASN B 19 21.47 7.61 10.93
N GLY B 20 22.53 6.90 11.28
CA GLY B 20 23.67 6.74 10.38
C GLY B 20 23.27 6.05 9.10
N LEU B 21 22.35 5.10 9.21
CA LEU B 21 21.89 4.34 8.05
C LEU B 21 21.10 5.26 7.13
N ALA B 22 20.29 6.13 7.74
CA ALA B 22 19.50 7.09 7.00
C ALA B 22 20.39 8.02 6.20
N GLU B 23 21.62 8.25 6.67
CA GLU B 23 22.59 9.07 5.95
C GLU B 23 23.00 8.42 4.65
N VAL B 24 23.20 7.10 4.70
CA VAL B 24 23.50 6.34 3.50
C VAL B 24 22.28 6.45 2.57
N GLY B 25 21.09 6.35 3.15
CA GLY B 25 19.85 6.50 2.39
C GLY B 25 19.74 7.86 1.73
N LYS B 26 20.15 8.88 2.46
CA LYS B 26 20.11 10.26 1.97
C LYS B 26 21.06 10.41 0.78
N LYS B 27 22.25 9.82 0.86
CA LYS B 27 23.19 9.88 -0.25
C LYS B 27 22.60 9.16 -1.45
N PHE B 28 22.03 8.00 -1.21
CA PHE B 28 21.40 7.20 -2.26
C PHE B 28 20.37 8.04 -3.02
N GLU B 29 19.54 8.77 -2.28
CA GLU B 29 18.51 9.59 -2.89
C GLU B 29 19.12 10.69 -3.77
N LYS B 30 20.23 11.27 -3.33
CA LYS B 30 20.87 12.34 -4.11
C LYS B 30 21.45 11.84 -5.43
N ASP B 31 21.85 10.58 -5.48
CA ASP B 31 22.43 10.05 -6.70
C ASP B 31 21.37 9.56 -7.67
N THR B 32 20.28 9.04 -7.12
CA THR B 32 19.31 8.28 -7.88
C THR B 32 17.93 8.91 -7.93
N GLY B 33 17.63 9.77 -6.96
CA GLY B 33 16.30 10.32 -6.83
C GLY B 33 15.34 9.41 -6.08
N ILE B 34 15.85 8.28 -5.58
CA ILE B 34 14.99 7.30 -4.92
C ILE B 34 15.00 7.50 -3.42
N LYS B 35 13.83 7.75 -2.85
CA LYS B 35 13.68 8.02 -1.42
C LYS B 35 13.94 6.76 -0.61
N VAL B 36 14.68 6.91 0.48
CA VAL B 36 14.98 5.79 1.35
C VAL B 36 14.50 6.12 2.76
N THR B 37 13.51 5.36 3.23
CA THR B 37 12.90 5.59 4.53
C THR B 37 13.33 4.52 5.54
N VAL B 38 14.06 4.94 6.56
CA VAL B 38 14.52 4.00 7.58
C VAL B 38 13.60 4.03 8.79
N GLU B 39 13.14 2.86 9.22
CA GLU B 39 12.22 2.74 10.35
C GLU B 39 12.78 1.75 11.37
N HIS B 40 12.38 1.91 12.64
CA HIS B 40 12.77 0.95 13.67
C HIS B 40 11.60 0.53 14.54
N PRO B 41 10.62 -0.19 13.94
CA PRO B 41 9.42 -0.64 14.65
C PRO B 41 9.77 -1.52 15.84
N ASP B 42 8.91 -1.50 16.85
CA ASP B 42 9.03 -2.45 17.95
C ASP B 42 8.77 -3.87 17.44
N LYS B 43 9.57 -4.82 17.87
CA LYS B 43 9.39 -6.24 17.51
C LYS B 43 9.29 -6.45 15.99
N LEU B 44 10.16 -5.79 15.24
CA LEU B 44 10.07 -5.82 13.78
C LEU B 44 10.32 -7.22 13.25
N GLU B 45 11.11 -8.01 13.97
CA GLU B 45 11.45 -9.36 13.53
C GLU B 45 10.28 -10.31 13.73
N GLU B 46 9.34 -9.92 14.60
CA GLU B 46 8.09 -10.65 14.77
C GLU B 46 7.04 -10.09 13.81
N LYS B 47 7.10 -8.79 13.55
CA LYS B 47 6.14 -8.20 12.61
C LYS B 47 6.42 -8.60 11.17
N PHE B 48 7.70 -8.67 10.79
CA PHE B 48 8.07 -8.95 9.39
C PHE B 48 7.42 -10.22 8.80
N PRO B 49 7.50 -11.38 9.50
CA PRO B 49 6.86 -12.56 8.90
C PRO B 49 5.33 -12.53 8.89
N GLN B 50 4.70 -11.63 9.65
CA GLN B 50 3.26 -11.48 9.55
C GLN B 50 2.93 -10.63 8.32
N VAL B 51 3.62 -9.50 8.14
CA VAL B 51 3.24 -8.60 7.04
C VAL B 51 3.82 -9.01 5.70
N ALA B 52 5.02 -9.61 5.68
CA ALA B 52 5.59 -10.00 4.38
C ALA B 52 4.83 -11.17 3.78
N ALA B 53 4.16 -11.95 4.62
CA ALA B 53 3.34 -13.08 4.18
C ALA B 53 2.12 -12.62 3.39
N THR B 54 1.66 -11.40 3.63
CA THR B 54 0.53 -10.85 2.88
C THR B 54 1.00 -9.94 1.74
N GLY B 55 2.30 -10.02 1.41
CA GLY B 55 2.87 -9.22 0.35
C GLY B 55 3.15 -7.78 0.75
N ASP B 56 3.30 -7.56 2.05
CA ASP B 56 3.49 -6.22 2.59
CA ASP B 56 3.52 -6.21 2.58
C ASP B 56 4.86 -6.14 3.32
N GLY B 57 5.09 -5.04 4.02
CA GLY B 57 6.32 -4.84 4.77
C GLY B 57 7.40 -4.03 4.06
N PRO B 58 8.61 -4.04 4.61
CA PRO B 58 9.76 -3.30 4.09
C PRO B 58 10.34 -3.95 2.85
N ASP B 59 11.04 -3.17 2.02
CA ASP B 59 11.84 -3.72 0.93
C ASP B 59 13.05 -4.48 1.48
N ILE B 60 13.62 -3.96 2.56
CA ILE B 60 14.82 -4.53 3.19
C ILE B 60 14.63 -4.66 4.69
N ILE B 61 15.01 -5.81 5.23
CA ILE B 61 14.98 -5.98 6.68
C ILE B 61 16.38 -6.29 7.19
N PHE B 62 16.78 -5.60 8.25
CA PHE B 62 18.04 -5.86 8.92
C PHE B 62 17.76 -6.63 10.20
N TRP B 63 18.45 -7.75 10.40
CA TRP B 63 18.44 -8.48 11.68
C TRP B 63 19.65 -9.41 11.72
N ALA B 64 19.97 -9.94 12.90
CA ALA B 64 20.98 -10.97 12.98
C ALA B 64 20.51 -12.16 12.14
N HIS B 65 21.46 -12.89 11.55
CA HIS B 65 21.16 -13.94 10.59
C HIS B 65 20.30 -15.08 11.13
N ASP B 66 20.15 -15.19 12.45
CA ASP B 66 19.45 -16.33 13.00
C ASP B 66 17.96 -16.34 12.64
N ARG B 67 17.37 -15.17 12.42
CA ARG B 67 15.97 -15.10 12.02
C ARG B 67 15.73 -15.46 10.54
N PHE B 68 16.78 -15.42 9.72
CA PHE B 68 16.60 -15.37 8.26
C PHE B 68 16.30 -16.72 7.60
N GLY B 69 16.80 -17.81 8.17
CA GLY B 69 16.50 -19.12 7.60
C GLY B 69 15.01 -19.43 7.65
N GLY B 70 14.37 -19.08 8.76
CA GLY B 70 12.93 -19.17 8.87
C GLY B 70 12.21 -18.33 7.82
N TYR B 71 12.61 -17.06 7.65
CA TYR B 71 12.02 -16.19 6.62
C TYR B 71 12.19 -16.80 5.23
N ALA B 72 13.37 -17.33 4.97
CA ALA B 72 13.70 -17.91 3.67
C ALA B 72 12.86 -19.15 3.42
N GLN B 73 12.79 -20.03 4.40
CA GLN B 73 11.97 -21.23 4.30
C GLN B 73 10.50 -20.92 4.02
N SER B 74 10.01 -19.81 4.59
CA SER B 74 8.63 -19.40 4.42
C SER B 74 8.40 -18.69 3.11
N GLY B 75 9.46 -18.43 2.38
CA GLY B 75 9.35 -17.81 1.07
C GLY B 75 9.25 -16.30 1.08
N LEU B 76 9.78 -15.68 2.13
CA LEU B 76 9.62 -14.24 2.32
C LEU B 76 10.82 -13.42 1.86
N LEU B 77 11.91 -14.09 1.47
CA LEU B 77 13.11 -13.39 1.02
C LEU B 77 13.49 -13.75 -0.42
N ALA B 78 13.88 -12.75 -1.20
CA ALA B 78 14.44 -13.00 -2.52
C ALA B 78 15.84 -13.62 -2.41
N GLU B 79 16.17 -14.51 -3.34
CA GLU B 79 17.55 -14.96 -3.42
C GLU B 79 18.40 -13.78 -3.86
N ILE B 80 19.53 -13.52 -3.20
CA ILE B 80 20.39 -12.46 -3.68
C ILE B 80 21.44 -13.02 -4.65
N THR B 81 21.85 -12.17 -5.58
CA THR B 81 22.66 -12.57 -6.73
C THR B 81 23.93 -11.74 -6.86
N PRO B 82 24.81 -11.80 -5.86
CA PRO B 82 26.01 -10.96 -5.95
C PRO B 82 27.03 -11.54 -6.92
N ALA B 83 27.60 -10.66 -7.75
CA ALA B 83 28.65 -11.06 -8.68
C ALA B 83 29.83 -11.67 -7.91
N ALA B 84 30.57 -12.55 -8.58
CA ALA B 84 31.79 -13.12 -8.02
C ALA B 84 32.68 -12.05 -7.40
N ALA B 85 32.84 -10.93 -8.12
CA ALA B 85 33.70 -9.85 -7.65
C ALA B 85 33.31 -9.36 -6.26
N PHE B 86 32.03 -9.02 -6.12
CA PHE B 86 31.51 -8.48 -4.86
C PHE B 86 31.67 -9.43 -3.68
N GLN B 87 31.44 -10.71 -3.91
CA GLN B 87 31.49 -11.70 -2.84
C GLN B 87 32.86 -11.73 -2.18
N ASP B 88 33.91 -11.45 -2.95
CA ASP B 88 35.26 -11.52 -2.44
C ASP B 88 35.58 -10.36 -1.50
N LYS B 89 34.82 -9.28 -1.62
CA LYS B 89 35.02 -8.13 -0.75
C LYS B 89 34.59 -8.38 0.69
N LEU B 90 33.82 -9.44 0.90
CA LEU B 90 33.34 -9.80 2.24
C LEU B 90 33.97 -11.11 2.69
N TYR B 91 34.26 -11.26 3.98
CA TYR B 91 34.84 -12.52 4.47
C TYR B 91 33.86 -13.66 4.21
N PRO B 92 34.36 -14.74 3.59
CA PRO B 92 33.58 -15.93 3.25
C PRO B 92 32.67 -16.42 4.39
N PHE B 93 33.15 -16.38 5.63
CA PHE B 93 32.38 -16.99 6.72
C PHE B 93 31.13 -16.17 7.04
N THR B 94 31.12 -14.91 6.62
CA THR B 94 29.93 -14.09 6.82
C THR B 94 28.91 -14.49 5.77
N TRP B 95 29.38 -14.90 4.59
CA TRP B 95 28.48 -15.41 3.57
C TRP B 95 27.82 -16.71 4.06
N ASP B 96 28.60 -17.53 4.75
CA ASP B 96 28.10 -18.79 5.24
C ASP B 96 26.87 -18.57 6.13
N ALA B 97 26.92 -17.54 6.95
CA ALA B 97 25.84 -17.24 7.90
C ALA B 97 24.51 -16.90 7.20
N VAL B 98 24.57 -16.47 5.95
CA VAL B 98 23.38 -16.08 5.23
C VAL B 98 23.11 -17.00 4.05
N ARG B 99 23.70 -18.18 4.09
CA ARG B 99 23.37 -19.20 3.10
C ARG B 99 22.36 -20.15 3.74
N TYR B 100 21.26 -20.36 3.05
CA TYR B 100 20.26 -21.31 3.51
C TYR B 100 19.85 -22.18 2.34
N ASN B 101 19.94 -23.49 2.52
CA ASN B 101 19.61 -24.44 1.45
C ASN B 101 20.43 -24.18 0.19
N GLY B 102 21.72 -23.87 0.39
CA GLY B 102 22.63 -23.69 -0.72
C GLY B 102 22.47 -22.37 -1.45
N LYS B 103 21.50 -21.56 -1.06
CA LYS B 103 21.29 -20.26 -1.69
C LYS B 103 21.53 -19.12 -0.71
N LEU B 104 22.06 -18.01 -1.22
CA LEU B 104 22.28 -16.80 -0.40
C LEU B 104 20.97 -16.04 -0.25
N ILE B 105 20.61 -15.71 0.98
CA ILE B 105 19.31 -15.11 1.26
C ILE B 105 19.40 -13.74 1.95
N ALA B 106 20.62 -13.25 2.16
CA ALA B 106 20.86 -11.90 2.70
C ALA B 106 22.26 -11.42 2.38
N TYR B 107 22.48 -10.11 2.52
CA TYR B 107 23.85 -9.55 2.56
C TYR B 107 24.33 -9.46 4.00
N PRO B 108 25.50 -10.04 4.29
CA PRO B 108 26.01 -9.88 5.65
C PRO B 108 26.57 -8.48 5.85
N ILE B 109 26.44 -7.95 7.05
CA ILE B 109 26.93 -6.60 7.30
C ILE B 109 28.08 -6.62 8.29
N ALA B 110 27.80 -7.14 9.48
CA ALA B 110 28.74 -7.03 10.58
C ALA B 110 28.57 -8.18 11.57
N VAL B 111 29.64 -8.52 12.26
CA VAL B 111 29.64 -9.67 13.17
C VAL B 111 29.65 -9.22 14.64
N GLU B 112 28.67 -9.71 15.39
CA GLU B 112 28.42 -9.23 16.75
C GLU B 112 28.71 -10.28 17.83
N ALA B 113 29.18 -9.82 18.99
CA ALA B 113 29.33 -10.70 20.14
C ALA B 113 29.22 -9.87 21.40
N LEU B 114 28.72 -10.48 22.47
CA LEU B 114 28.69 -9.82 23.76
C LEU B 114 30.10 -9.79 24.36
N SER B 115 30.40 -8.76 25.13
CA SER B 115 31.68 -8.68 25.85
C SER B 115 31.40 -8.18 27.25
N LEU B 116 32.43 -8.24 28.10
CA LEU B 116 32.34 -7.64 29.44
C LEU B 116 32.78 -6.18 29.43
N ILE B 117 31.94 -5.33 30.01
CA ILE B 117 32.12 -3.90 30.00
C ILE B 117 32.15 -3.37 31.43
N TYR B 118 33.20 -2.67 31.81
CA TYR B 118 33.34 -2.28 33.21
C TYR B 118 33.81 -0.85 33.45
N ASN B 119 33.51 -0.34 34.65
CA ASN B 119 33.89 1.01 35.07
C ASN B 119 35.25 0.96 35.78
N LYS B 120 36.29 1.47 35.14
CA LYS B 120 37.64 1.41 35.70
C LYS B 120 37.83 2.23 36.97
N ASP B 121 37.26 3.43 37.00
CA ASP B 121 37.30 4.26 38.20
C ASP B 121 36.61 3.56 39.39
N LEU B 122 35.63 2.72 39.11
CA LEU B 122 34.93 1.95 40.16
C LEU B 122 35.57 0.57 40.36
N LEU B 123 36.28 0.10 39.34
CA LEU B 123 36.82 -1.25 39.36
C LEU B 123 38.01 -1.36 38.43
N PRO B 124 39.19 -0.95 38.93
CA PRO B 124 40.41 -0.95 38.13
C PRO B 124 40.69 -2.29 37.44
N ASN B 125 40.52 -3.42 38.13
CA ASN B 125 40.75 -4.71 37.47
C ASN B 125 39.57 -5.68 37.49
N PRO B 126 39.19 -6.16 36.29
CA PRO B 126 37.99 -6.95 35.99
C PRO B 126 38.04 -8.39 36.50
N PRO B 127 36.94 -8.84 37.13
CA PRO B 127 36.85 -10.24 37.58
C PRO B 127 36.91 -11.18 36.38
N LYS B 128 37.85 -12.12 36.38
CA LYS B 128 38.05 -13.00 35.25
C LYS B 128 37.29 -14.32 35.39
N THR B 129 36.60 -14.49 36.52
CA THR B 129 35.72 -15.63 36.72
C THR B 129 34.35 -15.13 37.17
N TRP B 130 33.29 -15.84 36.79
CA TRP B 130 31.95 -15.50 37.27
C TRP B 130 31.91 -15.63 38.78
N GLU B 131 32.57 -16.67 39.26
CA GLU B 131 32.50 -17.06 40.66
C GLU B 131 32.99 -15.97 41.62
N GLU B 132 33.93 -15.15 41.19
CA GLU B 132 34.49 -14.14 42.09
C GLU B 132 33.64 -12.89 42.10
N ILE B 133 32.48 -12.95 41.44
CA ILE B 133 31.60 -11.78 41.35
C ILE B 133 30.76 -11.50 42.61
N PRO B 134 30.19 -12.54 43.24
CA PRO B 134 29.42 -12.23 44.47
C PRO B 134 30.28 -11.50 45.52
N ALA B 135 31.52 -11.95 45.70
CA ALA B 135 32.48 -11.33 46.61
C ALA B 135 32.64 -9.82 46.33
N LEU B 136 33.01 -9.49 45.08
CA LEU B 136 33.10 -8.10 44.64
C LEU B 136 31.87 -7.28 45.00
N ASP B 137 30.72 -7.93 44.97
CA ASP B 137 29.43 -7.25 45.06
C ASP B 137 29.14 -6.76 46.45
N LYS B 138 29.49 -7.54 47.46
CA LYS B 138 29.25 -7.13 48.85
C LYS B 138 30.20 -5.99 49.25
N GLU B 139 31.38 -5.97 48.65
CA GLU B 139 32.29 -4.84 48.81
C GLU B 139 31.65 -3.57 48.28
N LEU B 140 31.41 -3.56 46.97
CA LEU B 140 30.88 -2.38 46.28
C LEU B 140 29.58 -1.86 46.89
N LYS B 141 28.75 -2.74 47.46
CA LYS B 141 27.55 -2.28 48.19
C LYS B 141 27.86 -1.48 49.46
N ALA B 142 28.99 -1.75 50.10
CA ALA B 142 29.41 -0.96 51.24
C ALA B 142 29.72 0.46 50.79
N LYS B 143 30.06 0.59 49.51
CA LYS B 143 30.34 1.88 48.91
C LYS B 143 29.08 2.49 48.29
N GLY B 144 27.97 1.77 48.41
CA GLY B 144 26.70 2.23 47.88
C GLY B 144 26.59 1.99 46.38
N LYS B 145 27.43 1.11 45.85
CA LYS B 145 27.40 0.76 44.43
C LYS B 145 26.97 -0.69 44.22
N SER B 146 27.31 -1.25 43.06
CA SER B 146 26.88 -2.58 42.65
C SER B 146 27.90 -3.19 41.69
N ALA B 147 28.02 -4.51 41.70
CA ALA B 147 29.05 -5.16 40.86
C ALA B 147 28.63 -5.35 39.40
N LEU B 148 27.43 -5.91 39.17
CA LEU B 148 27.02 -6.30 37.83
C LEU B 148 25.52 -6.13 37.57
N MET B 149 25.19 -5.42 36.49
CA MET B 149 23.81 -5.34 36.01
C MET B 149 23.79 -5.51 34.49
N PHE B 150 22.89 -6.35 33.98
CA PHE B 150 22.69 -6.48 32.52
C PHE B 150 21.27 -6.98 32.28
N ASN B 151 20.88 -7.07 31.01
CA ASN B 151 19.52 -7.42 30.64
C ASN B 151 19.20 -8.89 30.94
N LEU B 152 18.25 -9.08 31.85
CA LEU B 152 17.86 -10.42 32.24
C LEU B 152 16.53 -10.84 31.58
N GLN B 153 15.97 -9.97 30.74
CA GLN B 153 14.69 -10.30 30.10
C GLN B 153 14.88 -10.94 28.72
N GLU B 154 16.08 -10.86 28.18
CA GLU B 154 16.34 -11.47 26.88
C GLU B 154 17.39 -12.55 27.06
N PRO B 155 17.08 -13.78 26.61
CA PRO B 155 17.96 -14.93 26.86
C PRO B 155 19.27 -14.83 26.12
N TYR B 156 19.40 -13.89 25.19
CA TYR B 156 20.66 -13.69 24.49
C TYR B 156 21.79 -13.28 25.43
N PHE B 157 21.44 -12.61 26.52
CA PHE B 157 22.43 -12.07 27.44
C PHE B 157 22.89 -13.08 28.49
N THR B 158 22.05 -14.08 28.77
CA THR B 158 22.38 -15.10 29.76
C THR B 158 23.03 -16.30 29.09
N TRP B 159 22.75 -16.49 27.81
CA TRP B 159 23.27 -17.63 27.06
C TRP B 159 24.79 -17.87 27.15
N PRO B 160 25.63 -16.81 27.15
CA PRO B 160 27.07 -17.08 27.26
C PRO B 160 27.45 -17.93 28.48
N LEU B 161 26.81 -17.63 29.61
CA LEU B 161 27.01 -18.38 30.85
C LEU B 161 26.40 -19.78 30.79
N ILE B 162 25.22 -19.90 30.16
CA ILE B 162 24.51 -21.17 30.08
C ILE B 162 25.27 -22.16 29.21
N ALA B 163 25.89 -21.65 28.15
CA ALA B 163 26.63 -22.50 27.21
C ALA B 163 28.10 -22.72 27.64
N ALA B 164 28.51 -22.01 28.67
CA ALA B 164 29.88 -22.07 29.18
C ALA B 164 30.31 -23.50 29.50
N ASP B 165 29.61 -24.13 30.43
CA ASP B 165 29.97 -25.46 30.89
C ASP B 165 29.30 -26.59 30.08
N GLY B 166 28.59 -26.25 29.00
CA GLY B 166 28.06 -27.29 28.13
C GLY B 166 26.71 -27.11 27.47
N GLY B 167 25.93 -26.12 27.92
CA GLY B 167 24.64 -25.84 27.31
C GLY B 167 24.75 -25.62 25.82
N TYR B 168 23.73 -26.02 25.05
CA TYR B 168 23.72 -25.71 23.62
C TYR B 168 22.30 -25.71 23.04
N ALA B 169 22.15 -25.21 21.82
CA ALA B 169 20.85 -25.16 21.16
C ALA B 169 20.54 -26.48 20.44
N PHE B 170 21.08 -26.64 19.24
CA PHE B 170 20.88 -27.84 18.43
C PHE B 170 22.20 -28.48 18.06
N LYS B 171 22.32 -29.79 18.23
CA LYS B 171 23.60 -30.44 18.01
C LYS B 171 24.00 -30.40 16.54
N TYR B 172 25.25 -30.07 16.28
CA TYR B 172 25.74 -29.95 14.91
C TYR B 172 26.60 -31.16 14.57
N ALA B 173 26.24 -31.84 13.49
CA ALA B 173 26.96 -33.05 13.10
C ALA B 173 26.87 -33.27 11.60
N ALA B 174 28.03 -33.53 10.98
CA ALA B 174 28.11 -33.76 9.54
C ALA B 174 27.47 -32.62 8.73
N GLY B 175 27.67 -31.40 9.19
CA GLY B 175 27.20 -30.22 8.48
C GLY B 175 25.72 -29.87 8.65
N LYS B 176 25.01 -30.62 9.48
CA LYS B 176 23.59 -30.36 9.68
C LYS B 176 23.26 -30.25 11.16
N TYR B 177 22.22 -29.49 11.49
CA TYR B 177 21.74 -29.43 12.86
C TYR B 177 20.65 -30.47 13.10
N ASP B 178 20.74 -31.14 14.24
CA ASP B 178 19.74 -32.11 14.65
C ASP B 178 18.64 -31.44 15.46
N ILE B 179 17.51 -31.16 14.82
CA ILE B 179 16.47 -30.35 15.45
C ILE B 179 15.78 -31.05 16.63
N LYS B 180 16.00 -32.34 16.80
CA LYS B 180 15.41 -33.01 17.96
C LYS B 180 16.43 -33.18 19.09
N ASP B 181 17.70 -32.91 18.78
CA ASP B 181 18.76 -33.00 19.79
C ASP B 181 19.07 -31.60 20.34
N VAL B 182 18.38 -31.27 21.43
CA VAL B 182 18.45 -29.96 22.07
C VAL B 182 19.23 -30.06 23.38
N GLY B 183 20.07 -29.07 23.67
CA GLY B 183 20.91 -29.12 24.87
C GLY B 183 20.71 -27.99 25.86
N VAL B 184 19.45 -27.66 26.14
CA VAL B 184 19.14 -26.64 27.12
C VAL B 184 18.80 -27.26 28.47
N ASP B 185 18.78 -28.58 28.51
CA ASP B 185 18.52 -29.33 29.74
C ASP B 185 19.79 -30.03 30.22
N ASN B 186 20.92 -29.60 29.68
CA ASN B 186 22.26 -30.07 30.04
C ASN B 186 22.64 -29.94 31.50
N ALA B 187 23.69 -30.66 31.91
CA ALA B 187 24.32 -30.42 33.19
C ALA B 187 25.08 -29.09 33.11
N GLY B 188 25.64 -28.81 31.94
CA GLY B 188 26.31 -27.53 31.71
C GLY B 188 25.34 -26.38 31.83
N ALA B 189 24.17 -26.54 31.21
CA ALA B 189 23.16 -25.49 31.18
C ALA B 189 22.54 -25.27 32.56
N LYS B 190 22.23 -26.35 33.24
CA LYS B 190 21.73 -26.32 34.61
C LYS B 190 22.66 -25.55 35.56
N ALA B 191 23.96 -25.82 35.45
CA ALA B 191 24.96 -25.15 36.29
C ALA B 191 25.01 -23.67 35.97
N GLY B 192 25.10 -23.36 34.68
CA GLY B 192 25.09 -21.98 34.24
C GLY B 192 23.93 -21.21 34.82
N LEU B 193 22.72 -21.72 34.66
CA LEU B 193 21.53 -20.97 35.02
C LEU B 193 21.35 -20.87 36.53
N THR B 194 21.81 -21.88 37.24
CA THR B 194 21.58 -21.88 38.68
C THR B 194 22.52 -20.85 39.36
N PHE B 195 23.72 -20.66 38.81
CA PHE B 195 24.61 -19.60 39.27
C PHE B 195 23.90 -18.25 39.19
N LEU B 196 23.25 -18.00 38.06
CA LEU B 196 22.54 -16.75 37.86
C LEU B 196 21.40 -16.60 38.85
N VAL B 197 20.66 -17.69 39.10
CA VAL B 197 19.54 -17.62 40.05
C VAL B 197 20.08 -17.39 41.46
N ASP B 198 21.26 -17.91 41.74
CA ASP B 198 21.93 -17.71 43.03
C ASP B 198 22.28 -16.24 43.26
N LEU B 199 22.88 -15.62 42.26
CA LEU B 199 23.18 -14.19 42.28
C LEU B 199 21.95 -13.36 42.68
N ILE B 200 20.80 -13.72 42.14
CA ILE B 200 19.54 -13.00 42.36
C ILE B 200 18.98 -13.30 43.74
N LYS B 201 19.12 -14.55 44.16
CA LYS B 201 18.74 -14.97 45.49
C LYS B 201 19.55 -14.20 46.53
N ASN B 202 20.84 -14.04 46.26
CA ASN B 202 21.78 -13.38 47.17
C ASN B 202 21.79 -11.86 47.06
N LYS B 203 20.75 -11.31 46.42
CA LYS B 203 20.57 -9.87 46.30
C LYS B 203 21.72 -9.18 45.57
N HIS B 204 22.48 -9.92 44.77
CA HIS B 204 23.59 -9.32 44.01
C HIS B 204 23.10 -8.61 42.74
N MET B 205 22.08 -9.18 42.12
CA MET B 205 21.35 -8.46 41.09
C MET B 205 19.86 -8.78 41.17
N ASN B 206 19.05 -7.94 40.53
CA ASN B 206 17.60 -8.03 40.64
C ASN B 206 17.01 -8.72 39.41
N ALA B 207 15.92 -9.45 39.61
CA ALA B 207 15.32 -10.24 38.54
C ALA B 207 14.55 -9.35 37.54
N ASP B 208 14.29 -8.11 37.93
CA ASP B 208 13.52 -7.21 37.09
C ASP B 208 14.38 -6.37 36.14
N THR B 209 15.69 -6.57 36.20
CA THR B 209 16.63 -5.78 35.41
C THR B 209 16.52 -6.08 33.92
N ASP B 210 16.13 -5.07 33.15
CA ASP B 210 16.08 -5.21 31.70
C ASP B 210 17.17 -4.36 31.02
N TYR B 211 17.11 -4.23 29.69
CA TYR B 211 18.15 -3.53 28.92
C TYR B 211 18.37 -2.07 29.38
N SER B 212 17.27 -1.36 29.56
CA SER B 212 17.30 0.05 29.88
C SER B 212 17.87 0.30 31.27
N ILE B 213 17.30 -0.39 32.25
CA ILE B 213 17.73 -0.27 33.64
C ILE B 213 19.23 -0.47 33.77
N ALA B 214 19.74 -1.54 33.19
CA ALA B 214 21.15 -1.85 33.27
C ALA B 214 22.01 -0.77 32.60
N GLU B 215 21.61 -0.36 31.40
CA GLU B 215 22.31 0.70 30.69
C GLU B 215 22.27 1.99 31.50
N ALA B 216 21.09 2.33 32.01
CA ALA B 216 20.94 3.47 32.88
C ALA B 216 21.88 3.38 34.09
N ALA B 217 21.90 2.22 34.74
CA ALA B 217 22.75 2.04 35.91
C ALA B 217 24.22 2.26 35.60
N PHE B 218 24.73 1.57 34.59
CA PHE B 218 26.15 1.61 34.25
C PHE B 218 26.61 2.99 33.77
N ASN B 219 25.76 3.67 33.01
CA ASN B 219 26.17 4.92 32.40
C ASN B 219 26.04 6.09 33.38
N LYS B 220 25.47 5.82 34.55
CA LYS B 220 25.42 6.80 35.63
C LYS B 220 26.41 6.39 36.70
N GLY B 221 27.33 5.51 36.32
CA GLY B 221 28.42 5.06 37.17
C GLY B 221 27.97 4.47 38.49
N GLU B 222 26.96 3.61 38.44
CA GLU B 222 26.41 3.03 39.66
C GLU B 222 26.71 1.53 39.80
N THR B 223 27.10 0.90 38.69
CA THR B 223 27.50 -0.50 38.72
C THR B 223 28.88 -0.60 38.10
N ALA B 224 29.67 -1.55 38.56
CA ALA B 224 31.02 -1.72 38.06
C ALA B 224 31.04 -2.32 36.66
N MET B 225 29.98 -3.04 36.30
CA MET B 225 29.99 -3.88 35.10
C MET B 225 28.63 -4.06 34.41
N THR B 226 28.68 -4.33 33.11
CA THR B 226 27.50 -4.75 32.36
C THR B 226 27.93 -5.73 31.28
N ILE B 227 26.95 -6.34 30.63
CA ILE B 227 27.24 -7.21 29.50
C ILE B 227 26.46 -6.72 28.30
N ASN B 228 27.16 -6.50 27.20
CA ASN B 228 26.54 -5.94 26.04
C ASN B 228 27.39 -6.07 24.79
N GLY B 229 26.86 -5.60 23.66
CA GLY B 229 27.54 -5.69 22.38
C GLY B 229 27.99 -4.33 21.87
N PRO B 230 28.64 -4.32 20.70
CA PRO B 230 29.27 -3.11 20.15
C PRO B 230 28.34 -1.91 20.07
N TRP B 231 27.05 -2.14 19.80
CA TRP B 231 26.10 -1.06 19.61
C TRP B 231 25.96 -0.17 20.84
N ALA B 232 26.43 -0.68 21.98
CA ALA B 232 26.24 -0.02 23.27
C ALA B 232 27.28 1.06 23.59
N TRP B 233 28.42 1.02 22.91
CA TRP B 233 29.58 1.84 23.23
C TRP B 233 29.34 3.36 23.11
N SER B 234 28.54 3.76 22.12
CA SER B 234 28.24 5.18 21.90
C SER B 234 27.70 5.87 23.15
N ASN B 235 26.56 5.38 23.66
CA ASN B 235 25.96 5.91 24.88
C ASN B 235 26.92 5.95 26.07
N ILE B 236 27.94 5.11 26.05
CA ILE B 236 28.94 5.12 27.11
C ILE B 236 29.94 6.24 26.91
N ASP B 237 30.46 6.35 25.68
CA ASP B 237 31.34 7.44 25.28
C ASP B 237 30.75 8.78 25.66
N THR B 238 29.44 8.92 25.49
CA THR B 238 28.73 10.14 25.85
C THR B 238 28.71 10.34 27.36
N SER B 239 28.36 9.27 28.09
CA SER B 239 28.15 9.34 29.53
C SER B 239 29.41 9.71 30.30
N ALA B 240 30.55 9.69 29.61
CA ALA B 240 31.84 10.07 30.19
C ALA B 240 32.25 9.15 31.32
N VAL B 241 31.73 7.92 31.31
CA VAL B 241 32.23 6.85 32.17
C VAL B 241 33.51 6.34 31.53
N ASN B 242 34.51 5.99 32.34
CA ASN B 242 35.74 5.47 31.79
C ASN B 242 35.78 3.95 31.73
N TYR B 243 35.48 3.41 30.57
CA TYR B 243 35.29 1.97 30.42
C TYR B 243 36.37 1.29 29.60
N GLY B 244 36.52 -0.01 29.84
CA GLY B 244 37.30 -0.89 28.99
C GLY B 244 36.39 -2.00 28.49
N VAL B 245 36.84 -2.78 27.51
CA VAL B 245 36.03 -3.86 26.98
C VAL B 245 36.85 -5.12 27.02
N THR B 246 36.35 -6.15 27.70
CA THR B 246 37.16 -7.36 27.85
C THR B 246 36.38 -8.66 27.74
N VAL B 247 37.14 -9.74 27.87
CA VAL B 247 36.62 -11.10 27.85
C VAL B 247 35.52 -11.28 28.90
N LEU B 248 34.53 -12.08 28.55
CA LEU B 248 33.49 -12.44 29.51
C LEU B 248 34.11 -13.33 30.58
N PRO B 249 33.59 -13.24 31.81
CA PRO B 249 34.07 -14.09 32.91
C PRO B 249 33.95 -15.56 32.56
N THR B 250 34.95 -16.34 32.97
CA THR B 250 34.94 -17.78 32.77
C THR B 250 33.95 -18.39 33.77
N PHE B 251 33.47 -19.60 33.48
CA PHE B 251 32.62 -20.34 34.43
C PHE B 251 33.12 -21.75 34.53
N LYS B 252 33.44 -22.16 35.76
CA LYS B 252 34.11 -23.43 36.00
C LYS B 252 35.34 -23.60 35.10
N GLY B 253 36.10 -22.53 34.93
CA GLY B 253 37.32 -22.59 34.15
C GLY B 253 37.17 -22.68 32.64
N GLN B 254 35.93 -22.66 32.16
CA GLN B 254 35.70 -22.61 30.71
C GLN B 254 35.19 -21.22 30.30
N PRO B 255 35.57 -20.77 29.11
CA PRO B 255 35.15 -19.44 28.67
C PRO B 255 33.64 -19.35 28.49
N SER B 256 33.04 -18.20 28.79
CA SER B 256 31.67 -17.94 28.40
C SER B 256 31.59 -18.01 26.88
N LYS B 257 30.58 -18.70 26.37
CA LYS B 257 30.41 -18.94 24.94
C LYS B 257 29.19 -18.22 24.37
N PRO B 258 29.37 -16.96 23.96
CA PRO B 258 28.21 -16.21 23.49
C PRO B 258 27.76 -16.64 22.10
N PHE B 259 26.45 -16.61 21.84
CA PHE B 259 26.02 -16.81 20.47
C PHE B 259 26.38 -15.58 19.64
N VAL B 260 27.12 -15.80 18.56
CA VAL B 260 27.55 -14.75 17.65
C VAL B 260 26.50 -14.44 16.59
N GLY B 261 26.08 -13.18 16.51
CA GLY B 261 25.18 -12.73 15.44
C GLY B 261 25.86 -12.04 14.26
N VAL B 262 25.35 -12.31 13.07
CA VAL B 262 25.80 -11.58 11.89
C VAL B 262 24.65 -10.70 11.40
N LEU B 263 24.75 -9.40 11.68
CA LEU B 263 23.77 -8.44 11.20
C LEU B 263 23.69 -8.53 9.69
N SER B 264 22.49 -8.83 9.19
CA SER B 264 22.29 -9.17 7.78
C SER B 264 21.14 -8.38 7.20
N ALA B 265 21.14 -8.17 5.89
CA ALA B 265 20.08 -7.41 5.24
C ALA B 265 19.44 -8.24 4.13
N GLY B 266 18.14 -8.51 4.27
CA GLY B 266 17.40 -9.33 3.33
C GLY B 266 16.44 -8.50 2.51
N ILE B 267 16.19 -8.94 1.29
CA ILE B 267 15.28 -8.21 0.42
C ILE B 267 13.95 -8.95 0.39
N ASN B 268 12.88 -8.22 0.65
CA ASN B 268 11.55 -8.80 0.71
C ASN B 268 11.19 -9.43 -0.62
N ALA B 269 10.66 -10.64 -0.59
CA ALA B 269 10.32 -11.32 -1.83
C ALA B 269 9.14 -10.66 -2.52
N ALA B 270 8.33 -9.93 -1.75
CA ALA B 270 7.18 -9.21 -2.31
C ALA B 270 7.54 -7.80 -2.85
N SER B 271 8.79 -7.39 -2.66
CA SER B 271 9.26 -6.08 -3.14
C SER B 271 9.32 -5.98 -4.65
N PRO B 272 8.80 -4.87 -5.21
CA PRO B 272 8.97 -4.52 -6.61
C PRO B 272 10.25 -3.73 -6.84
N ASN B 273 11.08 -3.60 -5.82
CA ASN B 273 12.27 -2.76 -5.90
C ASN B 273 13.55 -3.52 -5.67
N LYS B 274 13.60 -4.75 -6.17
CA LYS B 274 14.69 -5.64 -5.84
C LYS B 274 16.03 -5.20 -6.43
N GLU B 275 16.02 -4.63 -7.63
CA GLU B 275 17.27 -4.10 -8.19
C GLU B 275 17.75 -2.88 -7.43
N LEU B 276 16.83 -1.98 -7.13
CA LEU B 276 17.15 -0.83 -6.30
C LEU B 276 17.74 -1.24 -4.97
N ALA B 277 17.12 -2.24 -4.34
CA ALA B 277 17.59 -2.71 -3.04
C ALA B 277 19.01 -3.25 -3.17
N LYS B 278 19.24 -3.99 -4.25
CA LYS B 278 20.56 -4.58 -4.49
C LYS B 278 21.59 -3.48 -4.69
N GLU B 279 21.19 -2.43 -5.40
CA GLU B 279 22.09 -1.33 -5.71
C GLU B 279 22.49 -0.62 -4.42
N PHE B 280 21.48 -0.27 -3.62
CA PHE B 280 21.71 0.40 -2.36
C PHE B 280 22.65 -0.39 -1.44
N LEU B 281 22.42 -1.70 -1.34
CA LEU B 281 23.18 -2.51 -0.41
C LEU B 281 24.60 -2.76 -0.89
N GLU B 282 24.75 -3.08 -2.18
CA GLU B 282 26.06 -3.44 -2.75
C GLU B 282 26.94 -2.24 -3.05
N ASN B 283 26.33 -1.11 -3.45
CA ASN B 283 27.14 0.01 -3.92
C ASN B 283 27.13 1.21 -2.99
N TYR B 284 26.28 1.19 -1.97
CA TYR B 284 26.22 2.31 -1.03
C TYR B 284 26.48 1.89 0.42
N LEU B 285 25.74 0.90 0.92
CA LEU B 285 25.96 0.44 2.29
C LEU B 285 27.28 -0.31 2.42
N LEU B 286 27.47 -1.36 1.63
CA LEU B 286 28.65 -2.18 1.81
C LEU B 286 29.88 -1.56 1.15
N THR B 287 30.15 -0.32 1.55
CA THR B 287 31.33 0.42 1.13
C THR B 287 31.96 1.02 2.37
N ASP B 288 33.25 1.34 2.31
CA ASP B 288 33.98 1.88 3.46
C ASP B 288 33.23 3.05 4.07
N GLU B 289 32.78 3.95 3.20
CA GLU B 289 32.15 5.18 3.63
C GLU B 289 30.71 4.89 4.05
N GLY B 290 30.15 3.81 3.50
CA GLY B 290 28.82 3.38 3.87
C GLY B 290 28.79 2.91 5.31
N LEU B 291 29.54 1.84 5.59
CA LEU B 291 29.56 1.25 6.93
C LEU B 291 30.06 2.25 7.98
N GLU B 292 30.96 3.13 7.57
CA GLU B 292 31.51 4.14 8.45
C GLU B 292 30.40 5.05 8.97
N ALA B 293 29.56 5.53 8.06
CA ALA B 293 28.42 6.37 8.44
C ALA B 293 27.53 5.71 9.49
N VAL B 294 27.24 4.43 9.29
CA VAL B 294 26.42 3.71 10.26
C VAL B 294 27.20 3.50 11.57
N ASN B 295 28.45 3.02 11.46
CA ASN B 295 29.28 2.74 12.64
C ASN B 295 29.53 3.95 13.54
N LYS B 296 29.62 5.14 12.95
CA LYS B 296 29.78 6.36 13.73
C LYS B 296 28.55 6.65 14.59
N ASP B 297 27.37 6.27 14.11
CA ASP B 297 26.15 6.39 14.90
C ASP B 297 26.17 5.40 16.06
N LYS B 298 26.17 4.12 15.74
CA LYS B 298 26.34 3.08 16.73
C LYS B 298 27.20 1.97 16.15
N PRO B 299 28.29 1.63 16.84
CA PRO B 299 29.26 0.63 16.37
C PRO B 299 28.62 -0.66 15.92
N LEU B 300 29.10 -1.19 14.81
CA LEU B 300 28.61 -2.43 14.20
C LEU B 300 29.32 -3.64 14.79
N GLY B 301 30.51 -3.40 15.31
CA GLY B 301 31.41 -4.48 15.69
C GLY B 301 32.38 -4.74 14.57
N ALA B 302 32.69 -6.02 14.34
CA ALA B 302 33.62 -6.42 13.30
C ALA B 302 32.87 -6.62 11.99
N VAL B 303 33.04 -5.69 11.05
CA VAL B 303 32.24 -5.69 9.83
C VAL B 303 32.64 -6.78 8.84
N ALA B 304 31.72 -7.07 7.91
CA ALA B 304 31.93 -8.14 6.95
C ALA B 304 32.82 -7.69 5.80
N LEU B 305 32.87 -6.39 5.57
CA LEU B 305 33.70 -5.83 4.50
C LEU B 305 35.19 -5.83 4.86
N LYS B 306 35.97 -6.63 4.14
CA LYS B 306 37.42 -6.77 4.37
C LYS B 306 38.13 -5.43 4.51
N SER B 307 37.98 -4.60 3.49
CA SER B 307 38.60 -3.26 3.44
C SER B 307 38.45 -2.49 4.73
N TYR B 308 37.21 -2.33 5.16
CA TYR B 308 36.92 -1.46 6.30
C TYR B 308 37.20 -2.13 7.64
N GLU B 309 37.11 -3.45 7.69
CA GLU B 309 37.37 -4.14 8.95
C GLU B 309 38.84 -4.01 9.30
N GLU B 310 39.69 -4.07 8.28
CA GLU B 310 41.11 -3.90 8.47
C GLU B 310 41.41 -2.55 9.08
N GLU B 311 40.54 -1.57 8.82
CA GLU B 311 40.64 -0.28 9.47
C GLU B 311 40.01 -0.27 10.86
N LEU B 312 39.18 -1.27 11.17
CA LEU B 312 38.45 -1.28 12.42
C LEU B 312 39.15 -2.12 13.48
N ALA B 313 39.97 -3.06 13.02
CA ALA B 313 40.63 -4.00 13.91
C ALA B 313 41.49 -3.31 14.97
N LYS B 314 42.10 -2.18 14.61
CA LYS B 314 42.99 -1.43 15.49
C LYS B 314 42.38 -1.04 16.85
N ASP B 315 41.06 -1.14 16.96
CA ASP B 315 40.37 -0.81 18.20
C ASP B 315 40.35 -2.03 19.12
N PRO B 316 40.89 -1.88 20.34
CA PRO B 316 40.90 -3.00 21.30
C PRO B 316 39.49 -3.45 21.66
N ARG B 317 38.54 -2.53 21.57
CA ARG B 317 37.14 -2.87 21.76
C ARG B 317 36.67 -3.90 20.73
N ILE B 318 37.06 -3.74 19.47
CA ILE B 318 36.73 -4.71 18.42
C ILE B 318 37.51 -6.00 18.64
N ALA B 319 38.77 -5.89 19.03
CA ALA B 319 39.59 -7.07 19.22
C ALA B 319 39.02 -7.93 20.36
N ALA B 320 38.46 -7.28 21.37
CA ALA B 320 37.84 -8.00 22.48
C ALA B 320 36.54 -8.66 22.04
N THR B 321 35.80 -7.96 21.17
CA THR B 321 34.62 -8.50 20.52
C THR B 321 34.93 -9.78 19.73
N MET B 322 36.01 -9.76 18.96
CA MET B 322 36.37 -10.93 18.16
C MET B 322 36.92 -12.07 19.01
N GLU B 323 37.53 -11.74 20.13
CA GLU B 323 38.08 -12.77 21.00
C GLU B 323 36.94 -13.56 21.61
N ASN B 324 35.95 -12.86 22.16
CA ASN B 324 34.73 -13.50 22.66
C ASN B 324 33.99 -14.30 21.57
N ALA B 325 34.04 -13.79 20.34
CA ALA B 325 33.33 -14.41 19.23
C ALA B 325 33.94 -15.74 18.79
N GLN B 326 35.24 -15.92 19.04
CA GLN B 326 35.89 -17.19 18.71
C GLN B 326 35.75 -18.17 19.85
N LYS B 327 35.38 -17.65 21.02
CA LYS B 327 35.09 -18.51 22.16
C LYS B 327 33.63 -18.97 22.12
N GLY B 328 32.83 -18.31 21.27
CA GLY B 328 31.43 -18.66 21.12
C GLY B 328 31.13 -19.32 19.79
N GLU B 329 29.85 -19.39 19.44
CA GLU B 329 29.45 -20.00 18.17
C GLU B 329 28.60 -19.08 17.30
N ILE B 330 28.77 -19.22 16.00
CA ILE B 330 27.87 -18.60 15.03
C ILE B 330 26.49 -19.23 15.23
N MET B 331 25.46 -18.39 15.33
CA MET B 331 24.11 -18.90 15.46
C MET B 331 23.71 -19.68 14.21
N PRO B 332 22.99 -20.80 14.40
CA PRO B 332 22.35 -21.46 13.27
C PRO B 332 21.31 -20.53 12.66
N ASN B 333 20.99 -20.68 11.38
CA ASN B 333 19.90 -19.87 10.83
C ASN B 333 18.64 -20.68 10.58
N ILE B 334 18.65 -21.96 10.97
CA ILE B 334 17.51 -22.85 10.74
C ILE B 334 16.21 -22.29 11.33
N PRO B 335 15.05 -22.66 10.75
CA PRO B 335 13.73 -22.17 11.16
C PRO B 335 13.39 -22.37 12.64
N GLN B 336 13.94 -23.42 13.24
CA GLN B 336 13.68 -23.75 14.63
C GLN B 336 14.30 -22.79 15.64
N MET B 337 15.18 -21.89 15.19
CA MET B 337 15.86 -20.97 16.13
C MET B 337 14.89 -20.07 16.88
N SER B 338 13.75 -19.73 16.28
CA SER B 338 12.84 -18.86 17.02
C SER B 338 12.09 -19.68 18.09
N ALA B 339 11.76 -20.94 17.83
CA ALA B 339 11.21 -21.77 18.89
C ALA B 339 12.19 -21.98 20.05
N PHE B 340 13.47 -22.11 19.74
CA PHE B 340 14.53 -22.24 20.74
C PHE B 340 14.58 -20.98 21.62
N TRP B 341 14.67 -19.80 20.98
CA TRP B 341 14.81 -18.57 21.73
C TRP B 341 13.63 -18.29 22.66
N TYR B 342 12.42 -18.53 22.16
CA TYR B 342 11.21 -18.33 22.96
C TYR B 342 11.17 -19.27 24.16
N ALA B 343 11.66 -20.49 23.97
CA ALA B 343 11.73 -21.47 25.02
C ALA B 343 12.77 -21.08 26.07
N VAL B 344 13.93 -20.58 25.64
CA VAL B 344 14.95 -20.23 26.63
C VAL B 344 14.55 -18.94 27.35
N ARG B 345 13.86 -18.04 26.66
CA ARG B 345 13.38 -16.80 27.30
C ARG B 345 12.48 -17.11 28.48
N THR B 346 11.51 -18.02 28.26
CA THR B 346 10.57 -18.37 29.32
C THR B 346 11.31 -19.01 30.49
N ALA B 347 12.27 -19.87 30.18
CA ALA B 347 13.03 -20.57 31.21
C ALA B 347 13.79 -19.57 32.10
N VAL B 348 14.64 -18.77 31.48
CA VAL B 348 15.49 -17.83 32.21
C VAL B 348 14.65 -16.91 33.12
N ILE B 349 13.57 -16.38 32.57
CA ILE B 349 12.73 -15.43 33.29
C ILE B 349 11.91 -16.09 34.40
N ASN B 350 11.51 -17.34 34.21
CA ASN B 350 10.75 -18.04 35.23
C ASN B 350 11.64 -18.46 36.41
N ALA B 351 12.85 -18.90 36.11
CA ALA B 351 13.81 -19.31 37.13
C ALA B 351 14.48 -18.12 37.82
N ALA B 352 14.69 -17.03 37.09
CA ALA B 352 15.28 -15.84 37.70
C ALA B 352 14.30 -15.25 38.70
N SER B 353 13.02 -15.40 38.40
CA SER B 353 11.95 -14.83 39.21
C SER B 353 11.57 -15.71 40.39
N GLY B 354 11.94 -16.98 40.33
CA GLY B 354 11.58 -17.92 41.38
C GLY B 354 10.20 -18.56 41.20
N ARG B 355 9.54 -18.30 40.08
CA ARG B 355 8.25 -18.95 39.81
CA ARG B 355 8.26 -18.94 39.75
C ARG B 355 8.45 -20.44 39.50
N GLN B 356 9.66 -20.81 39.08
CA GLN B 356 10.01 -22.19 38.80
C GLN B 356 11.44 -22.48 39.17
N THR B 357 11.75 -23.75 39.38
CA THR B 357 13.12 -24.16 39.61
C THR B 357 13.93 -24.18 38.31
N VAL B 358 15.25 -24.10 38.43
CA VAL B 358 16.11 -24.21 37.25
C VAL B 358 15.86 -25.54 36.53
N ASP B 359 15.59 -26.58 37.31
CA ASP B 359 15.35 -27.91 36.74
C ASP B 359 14.01 -27.99 36.00
N ALA B 360 12.97 -27.39 36.58
CA ALA B 360 11.65 -27.40 35.97
C ALA B 360 11.62 -26.54 34.73
N ALA B 361 12.29 -25.37 34.81
CA ALA B 361 12.32 -24.41 33.71
C ALA B 361 13.09 -24.96 32.52
N LEU B 362 14.27 -25.49 32.75
CA LEU B 362 15.03 -26.05 31.64
C LEU B 362 14.39 -27.34 31.11
N ALA B 363 13.61 -28.04 31.94
CA ALA B 363 12.83 -29.17 31.48
C ALA B 363 11.77 -28.73 30.47
N ALA B 364 11.02 -27.71 30.86
CA ALA B 364 9.98 -27.17 30.01
C ALA B 364 10.57 -26.56 28.73
N ALA B 365 11.77 -26.01 28.79
CA ALA B 365 12.37 -25.39 27.60
C ALA B 365 12.89 -26.43 26.61
N GLN B 366 13.37 -27.56 27.11
CA GLN B 366 13.83 -28.60 26.18
C GLN B 366 12.64 -29.11 25.39
N THR B 367 11.50 -29.24 26.04
CA THR B 367 10.29 -29.68 25.38
C THR B 367 9.80 -28.70 24.30
N ASN B 368 9.69 -27.42 24.67
CA ASN B 368 9.21 -26.44 23.71
C ASN B 368 10.16 -26.31 22.51
N ALA B 369 11.47 -26.32 22.77
CA ALA B 369 12.45 -26.14 21.71
C ALA B 369 12.39 -27.29 20.70
N ALA B 370 11.98 -28.46 21.17
CA ALA B 370 11.93 -29.66 20.33
C ALA B 370 10.51 -29.95 19.84
N ALA B 371 9.60 -29.02 20.08
CA ALA B 371 8.20 -29.26 19.74
C ALA B 371 8.04 -29.50 18.25
N ALA B 372 7.02 -30.28 17.90
CA ALA B 372 6.65 -30.43 16.49
C ALA B 372 6.37 -29.06 15.87
N TYR B 373 6.71 -28.89 14.60
CA TYR B 373 6.57 -27.59 13.94
C TYR B 373 5.15 -27.03 13.98
N GLN B 374 4.14 -27.82 13.61
CA GLN B 374 2.77 -27.28 13.66
C GLN B 374 2.29 -26.94 15.08
N ASN B 375 2.88 -27.55 16.11
CA ASN B 375 2.52 -27.21 17.48
C ASN B 375 3.01 -25.82 17.83
N TYR B 376 4.26 -25.53 17.47
CA TYR B 376 4.84 -24.21 17.68
C TYR B 376 4.06 -23.18 16.87
N ILE B 377 3.80 -23.53 15.61
CA ILE B 377 3.09 -22.68 14.71
C ILE B 377 1.66 -22.39 15.18
N ALA B 378 0.91 -23.43 15.57
CA ALA B 378 -0.45 -23.24 16.09
C ALA B 378 -0.46 -22.28 17.30
N LYS B 379 0.44 -22.51 18.25
CA LYS B 379 0.54 -21.65 19.42
C LYS B 379 0.87 -20.22 19.05
N SER B 380 1.86 -20.04 18.18
CA SER B 380 2.28 -18.73 17.70
C SER B 380 1.14 -17.98 16.99
N GLN B 381 0.36 -18.69 16.18
CA GLN B 381 -0.74 -18.05 15.41
C GLN B 381 -1.89 -17.62 16.33
N VAL B 382 -2.21 -18.45 17.31
CA VAL B 382 -3.24 -18.09 18.29
C VAL B 382 -2.79 -16.89 19.13
N SER B 383 -1.54 -16.88 19.58
CA SER B 383 -1.02 -15.73 20.33
C SER B 383 -0.94 -14.48 19.47
N THR B 384 -0.48 -14.65 18.23
CA THR B 384 -0.44 -13.53 17.30
C THR B 384 -1.85 -12.97 17.04
N GLY B 385 -2.78 -13.87 16.74
CA GLY B 385 -4.18 -13.49 16.57
C GLY B 385 -4.75 -12.72 17.75
N LEU B 386 -4.46 -13.16 18.98
CA LEU B 386 -4.91 -12.44 20.16
C LEU B 386 -4.27 -11.05 20.24
N ALA B 387 -2.96 -10.99 20.01
CA ALA B 387 -2.26 -9.72 20.03
C ALA B 387 -2.81 -8.75 18.96
N ASP B 388 -3.27 -9.28 17.84
CA ASP B 388 -3.86 -8.46 16.77
C ASP B 388 -5.19 -7.81 17.18
N ILE B 389 -5.87 -8.32 18.21
CA ILE B 389 -7.12 -7.69 18.64
C ILE B 389 -7.07 -6.97 20.00
N THR B 390 -5.99 -7.12 20.75
CA THR B 390 -5.98 -6.69 22.15
C THR B 390 -6.02 -5.18 22.28
N ALA B 391 -5.45 -4.45 21.31
CA ALA B 391 -5.44 -3.00 21.35
C ALA B 391 -6.85 -2.40 21.33
N GLY B 392 -7.80 -3.17 20.82
CA GLY B 392 -9.17 -2.70 20.68
C GLY B 392 -9.91 -2.43 21.98
N LYS B 393 -9.52 -3.07 23.08
CA LYS B 393 -10.23 -2.94 24.34
C LYS B 393 -10.21 -1.49 24.89
N THR B 394 -9.02 -0.90 24.91
CA THR B 394 -8.83 0.49 25.36
C THR B 394 -9.72 1.48 24.61
N ASN B 395 -9.71 1.39 23.29
CA ASN B 395 -10.54 2.27 22.51
C ASN B 395 -12.02 1.98 22.66
N ALA B 396 -12.37 0.71 22.91
CA ALA B 396 -13.76 0.39 23.18
C ALA B 396 -14.22 1.04 24.51
N GLU B 397 -13.36 1.04 25.52
CA GLU B 397 -13.71 1.62 26.83
C GLU B 397 -13.98 3.14 26.69
N THR B 398 -13.26 3.79 25.78
CA THR B 398 -13.43 5.20 25.51
C THR B 398 -14.79 5.43 24.92
N LYS B 399 -15.19 4.54 24.01
CA LYS B 399 -16.49 4.67 23.35
C LYS B 399 -17.59 4.46 24.37
N LEU B 400 -17.39 3.49 25.24
CA LEU B 400 -18.36 3.26 26.30
C LEU B 400 -18.44 4.45 27.28
N ALA B 401 -17.32 5.11 27.54
CA ALA B 401 -17.31 6.24 28.46
C ALA B 401 -18.14 7.40 27.88
N GLU B 402 -18.04 7.59 26.57
CA GLU B 402 -18.83 8.55 25.82
C GLU B 402 -20.29 8.19 25.85
N GLY B 403 -20.57 6.89 25.78
CA GLY B 403 -21.93 6.42 25.63
C GLY B 403 -22.20 6.10 24.17
N LEU B 404 -22.86 4.98 23.93
CA LEU B 404 -23.18 4.56 22.57
C LEU B 404 -24.68 4.53 22.39
N THR B 405 -25.17 4.99 21.24
CA THR B 405 -26.60 4.91 20.94
C THR B 405 -26.92 3.69 20.08
N ALA B 406 -25.88 3.06 19.57
CA ALA B 406 -26.01 1.83 18.81
C ALA B 406 -24.71 1.06 18.89
N ALA B 407 -24.78 -0.25 18.69
CA ALA B 407 -23.60 -1.13 18.80
C ALA B 407 -22.53 -0.71 17.81
N LEU B 408 -21.28 -0.61 18.27
CA LEU B 408 -20.21 -0.24 17.35
C LEU B 408 -19.69 -1.55 16.73
N THR B 409 -19.58 -1.60 15.39
CA THR B 409 -19.11 -2.82 14.72
C THR B 409 -17.97 -2.54 13.75
N ASP B 410 -17.51 -1.29 13.70
CA ASP B 410 -16.40 -0.89 12.85
C ASP B 410 -15.08 -1.07 13.57
N VAL B 411 -14.31 -2.10 13.23
CA VAL B 411 -13.12 -2.41 14.03
C VAL B 411 -12.04 -1.37 13.80
N GLU B 412 -12.11 -0.69 12.67
CA GLU B 412 -11.15 0.38 12.39
C GLU B 412 -11.37 1.53 13.39
N ALA B 413 -12.61 1.73 13.83
CA ALA B 413 -12.88 2.70 14.89
C ALA B 413 -12.18 2.30 16.19
N LEU B 414 -11.81 1.03 16.31
CA LEU B 414 -11.08 0.56 17.49
C LEU B 414 -9.59 0.54 17.29
N GLY B 415 -9.12 0.98 16.13
CA GLY B 415 -7.70 0.98 15.84
C GLY B 415 -7.18 -0.36 15.34
N LEU B 416 -8.08 -1.24 14.94
CA LEU B 416 -7.73 -2.59 14.45
C LEU B 416 -7.79 -2.71 12.91
N GLN B 417 -7.05 -3.67 12.35
CA GLN B 417 -7.17 -3.99 10.92
C GLN B 417 -8.35 -4.92 10.76
N LYS B 418 -8.83 -5.05 9.54
CA LYS B 418 -9.99 -5.91 9.28
C LYS B 418 -9.60 -7.38 9.10
N SER B 419 -8.32 -7.61 8.86
CA SER B 419 -7.77 -8.95 8.69
C SER B 419 -6.27 -8.88 8.85
N THR B 420 -5.62 -9.98 9.21
CA THR B 420 -4.16 -9.95 9.36
C THR B 420 -3.65 -11.28 8.84
N ASN B 421 -2.35 -11.57 8.95
CA ASN B 421 -1.87 -12.87 8.52
C ASN B 421 -2.50 -13.97 9.40
N ALA B 422 -2.74 -13.66 10.67
CA ALA B 422 -3.23 -14.68 11.62
C ALA B 422 -4.75 -14.72 11.69
N CYS B 423 -5.40 -13.62 11.32
CA CYS B 423 -6.85 -13.50 11.39
C CYS B 423 -7.46 -13.27 9.99
N SER B 424 -8.22 -14.23 9.49
CA SER B 424 -8.87 -14.08 8.20
C SER B 424 -9.85 -12.93 8.25
N THR B 425 -10.46 -12.74 9.42
CA THR B 425 -11.30 -11.56 9.68
C THR B 425 -11.16 -11.14 11.15
N ILE B 426 -11.34 -9.83 11.39
CA ILE B 426 -11.43 -9.30 12.75
C ILE B 426 -12.72 -8.50 12.81
N THR B 427 -13.63 -8.95 13.67
CA THR B 427 -14.95 -8.35 13.84
C THR B 427 -15.17 -7.89 15.29
N THR B 428 -16.15 -7.03 15.48
CA THR B 428 -16.47 -6.54 16.82
C THR B 428 -17.90 -6.12 16.89
N SER B 429 -18.46 -6.29 18.08
CA SER B 429 -19.67 -5.61 18.49
C SER B 429 -19.46 -5.03 19.88
N ILE B 430 -19.39 -3.70 19.98
CA ILE B 430 -19.36 -3.06 21.30
C ILE B 430 -20.78 -2.59 21.62
N GLY B 431 -21.44 -3.27 22.55
CA GLY B 431 -22.84 -3.03 22.85
C GLY B 431 -23.11 -1.77 23.66
N THR B 432 -24.32 -1.24 23.55
CA THR B 432 -24.69 0.01 24.25
C THR B 432 -24.75 -0.13 25.78
N ASN B 433 -24.86 -1.36 26.27
CA ASN B 433 -24.87 -1.63 27.71
C ASN B 433 -23.52 -2.15 28.19
N GLY B 434 -22.55 -2.20 27.28
CA GLY B 434 -21.21 -2.64 27.61
C GLY B 434 -20.87 -4.08 27.26
N ALA B 435 -21.89 -4.91 27.02
CA ALA B 435 -21.69 -6.29 26.57
C ALA B 435 -21.06 -6.29 25.18
N SER B 436 -19.86 -6.87 25.07
CA SER B 436 -19.00 -6.67 23.91
C SER B 436 -18.21 -7.90 23.49
N ASN B 437 -17.88 -7.96 22.20
CA ASN B 437 -16.85 -8.88 21.71
C ASN B 437 -15.93 -8.23 20.70
N ILE B 438 -14.64 -8.57 20.78
CA ILE B 438 -13.67 -8.27 19.74
C ILE B 438 -13.09 -9.63 19.32
N THR B 439 -13.17 -9.97 18.03
CA THR B 439 -13.04 -11.37 17.63
C THR B 439 -12.11 -11.64 16.45
N CYS B 440 -11.12 -12.50 16.67
CA CYS B 440 -10.24 -12.96 15.60
C CYS B 440 -10.69 -14.34 15.13
N THR B 441 -11.05 -14.46 13.86
CA THR B 441 -11.25 -15.77 13.26
C THR B 441 -9.89 -16.21 12.71
N LEU B 442 -9.31 -17.22 13.35
CA LEU B 442 -7.96 -17.66 13.06
C LEU B 442 -7.79 -18.27 11.68
N LYS B 443 -6.62 -18.02 11.13
CA LYS B 443 -6.22 -18.50 9.81
C LYS B 443 -4.86 -19.15 9.94
N GLY B 444 -4.67 -20.31 9.34
CA GLY B 444 -3.33 -20.93 9.33
C GLY B 444 -3.37 -22.44 9.41
N THR B 445 -2.56 -23.01 10.28
CA THR B 445 -2.42 -24.47 10.31
C THR B 445 -3.74 -25.10 10.77
N SER B 446 -4.01 -26.32 10.33
CA SER B 446 -5.34 -26.93 10.47
C SER B 446 -5.81 -27.13 11.92
N GLN B 447 -4.89 -27.27 12.87
CA GLN B 447 -5.24 -27.35 14.30
C GLN B 447 -5.97 -26.11 14.82
N ILE B 448 -5.75 -24.96 14.18
CA ILE B 448 -6.42 -23.72 14.65
C ILE B 448 -7.19 -22.99 13.56
N ASN B 449 -7.03 -23.39 12.29
CA ASN B 449 -7.71 -22.69 11.20
C ASN B 449 -9.24 -22.66 11.35
N SER B 450 -9.80 -21.46 11.21
CA SER B 450 -11.21 -21.13 11.41
C SER B 450 -11.71 -21.26 12.86
N LYS B 451 -10.81 -21.53 13.81
CA LYS B 451 -11.18 -21.41 15.23
C LYS B 451 -11.27 -19.92 15.55
N LYS B 452 -11.79 -19.57 16.72
CA LYS B 452 -11.79 -18.16 17.10
C LYS B 452 -11.09 -17.90 18.44
N ILE B 453 -10.52 -16.72 18.60
CA ILE B 453 -10.09 -16.26 19.92
C ILE B 453 -10.55 -14.80 20.03
N GLU B 454 -11.03 -14.40 21.20
CA GLU B 454 -11.73 -13.12 21.30
C GLU B 454 -11.68 -12.51 22.70
N TRP B 455 -11.92 -11.20 22.76
CA TRP B 455 -12.10 -10.53 24.04
C TRP B 455 -13.59 -10.33 24.24
N ILE B 456 -14.09 -10.72 25.39
CA ILE B 456 -15.52 -10.56 25.67
C ILE B 456 -15.69 -9.75 26.94
N ARG B 457 -16.56 -8.76 26.86
CA ARG B 457 -16.83 -7.89 27.99
C ARG B 457 -18.24 -8.11 28.50
N ASP B 458 -18.39 -8.25 29.82
CA ASP B 458 -19.71 -8.33 30.42
C ASP B 458 -20.39 -6.97 30.36
N ALA B 459 -21.71 -6.97 30.37
CA ALA B 459 -22.47 -5.71 30.45
C ALA B 459 -22.29 -5.01 31.80
N ASP B 460 -22.37 -3.69 31.78
CA ASP B 460 -22.51 -2.91 32.98
C ASP B 460 -23.96 -2.98 33.46
N ASN B 461 -24.18 -2.81 34.76
CA ASN B 461 -25.52 -2.82 35.30
C ASN B 461 -25.84 -1.53 36.08
N ALA B 462 -26.77 -0.74 35.58
CA ALA B 462 -27.07 0.56 36.21
C ALA B 462 -27.76 0.42 37.57
N THR B 463 -28.58 -0.62 37.71
CA THR B 463 -29.36 -0.82 38.92
C THR B 463 -28.45 -1.20 40.07
N ASN B 464 -27.51 -2.09 39.80
CA ASN B 464 -26.57 -2.55 40.82
C ASN B 464 -25.33 -1.67 40.92
N GLY B 465 -25.14 -0.83 39.91
CA GLY B 465 -23.96 0.00 39.86
C GLY B 465 -22.73 -0.84 39.69
N THR B 466 -22.81 -1.88 38.86
CA THR B 466 -21.62 -2.69 38.58
C THR B 466 -21.02 -2.42 37.22
N THR B 467 -19.72 -2.60 37.13
CA THR B 467 -18.99 -2.48 35.87
C THR B 467 -18.57 -3.87 35.39
N GLY B 468 -18.74 -4.16 34.11
CA GLY B 468 -18.39 -5.47 33.58
C GLY B 468 -16.92 -5.56 33.18
N ALA B 469 -16.34 -6.76 33.30
CA ALA B 469 -14.94 -6.97 32.96
C ALA B 469 -14.76 -7.68 31.62
N TRP B 470 -13.57 -7.52 31.07
CA TRP B 470 -13.10 -8.24 29.89
C TRP B 470 -12.48 -9.59 30.27
N ARG B 471 -12.78 -10.62 29.48
CA ARG B 471 -12.15 -11.93 29.60
C ARG B 471 -11.79 -12.48 28.23
N CYS B 472 -10.69 -13.22 28.15
CA CYS B 472 -10.30 -13.88 26.92
C CYS B 472 -11.01 -15.22 26.78
N LYS B 473 -11.69 -15.46 25.65
CA LYS B 473 -12.28 -16.77 25.32
C LYS B 473 -11.80 -17.30 23.96
N THR B 474 -11.76 -18.62 23.81
CA THR B 474 -11.36 -19.25 22.54
C THR B 474 -11.90 -20.67 22.43
N ASP B 475 -12.09 -21.17 21.20
CA ASP B 475 -12.47 -22.59 21.06
C ASP B 475 -11.33 -23.46 20.53
N VAL B 476 -10.10 -22.94 20.61
CA VAL B 476 -8.89 -23.70 20.33
C VAL B 476 -8.67 -24.74 21.45
N ALA B 477 -8.07 -25.89 21.14
CA ALA B 477 -7.77 -26.89 22.16
C ALA B 477 -7.06 -26.30 23.39
N GLU B 478 -7.35 -26.85 24.56
CA GLU B 478 -6.81 -26.32 25.82
C GLU B 478 -5.29 -26.14 25.81
N ASN B 479 -4.54 -27.16 25.38
CA ASN B 479 -3.08 -27.06 25.34
C ASN B 479 -2.55 -25.97 24.39
N LEU B 480 -3.39 -25.45 23.49
CA LEU B 480 -2.93 -24.39 22.58
C LEU B 480 -3.39 -22.99 23.00
N ARG B 481 -4.09 -22.89 24.14
CA ARG B 481 -4.64 -21.60 24.59
C ARG B 481 -3.63 -20.75 25.34
N PRO B 482 -3.61 -19.43 25.08
CA PRO B 482 -2.74 -18.56 25.89
C PRO B 482 -3.19 -18.57 27.34
N LYS B 483 -2.35 -18.13 28.28
CA LYS B 483 -2.75 -18.05 29.68
C LYS B 483 -3.94 -17.11 29.87
N SER B 484 -4.83 -17.50 30.79
CA SER B 484 -6.05 -16.78 31.15
C SER B 484 -7.09 -16.71 30.05
N CYS B 485 -6.93 -17.56 29.03
CA CYS B 485 -7.93 -17.69 27.97
CA CYS B 485 -7.93 -17.70 27.98
C CYS B 485 -8.74 -18.99 28.17
N GLY B 486 -10.04 -18.86 28.39
CA GLY B 486 -10.85 -20.04 28.61
C GLY B 486 -11.74 -20.40 27.44
N ALA B 487 -12.44 -21.53 27.57
CA ALA B 487 -13.33 -22.04 26.53
C ALA B 487 -14.50 -21.11 26.26
N SER B 488 -14.74 -20.80 24.99
CA SER B 488 -15.89 -19.99 24.65
C SER B 488 -17.15 -20.82 24.91
N GLY B 489 -18.25 -20.15 25.24
CA GLY B 489 -19.48 -20.83 25.58
C GLY B 489 -20.58 -19.89 26.03
#